data_4FYZ
#
_entry.id   4FYZ
#
_cell.length_a   64.176
_cell.length_b   68.437
_cell.length_c   104.047
_cell.angle_alpha   90.00
_cell.angle_beta   95.79
_cell.angle_gamma   90.00
#
_symmetry.space_group_name_H-M   'P 1 21 1'
#
loop_
_entity.id
_entity.type
_entity.pdbx_description
1 polymer P450cin
2 non-polymer 'PROTOPORPHYRIN IX CONTAINING FE'
3 non-polymer 1,3,3-TRIMETHYL-2-OXABICYCLO[2.2.2]OCTANE
4 non-polymer 'NITRIC OXIDE'
5 non-polymer 'TETRAETHYLENE GLYCOL'
6 non-polymer DI(HYDROXYETHYL)ETHER
7 water water
#
_entity_poly.entity_id   1
_entity_poly.type   'polypeptide(L)'
_entity_poly.pdbx_seq_one_letter_code
;MTSLFTTADHYHTPLGPDGTPHAFFEALRDEAETTPIGWSEAYGGHWVVAGYKEIQAVIQNTKAFSNKGVTFPRYETGEF
ELMMAGQDDPVHKKYRQLVAKPFSPEATDLFTEQLRQSTNDLIDARIELGEGDAATWLANEIPARLTAILLGLPPEDGDT
YRRWVWAITHVENPEEGAEIFAELVAHARTLIAERRTNPGNDIMSRVIMSKIDGESLSEDDLIGFFTILLLGGIDNTARF
LSSVFWRLAWDIELRRRLIAHPELIPNAVDELLRFYGPAMVGRLVTQEVTVGDITMKPGQTAMLWFPIASRDRSAFDSPD
NIVIERTPNRHLSLGHGIHRCLGAHLIRVEARVAITEFLKRIPEFSLDPNKECEWLMGQVAGMLHVPIIFPKGKRLSE
;
_entity_poly.pdbx_strand_id   A,B
#
# COMPACT_ATOMS: atom_id res chain seq x y z
N THR A 2 31.06 7.41 43.80
CA THR A 2 30.08 8.22 43.07
C THR A 2 29.28 7.37 42.06
N SER A 3 27.96 7.37 42.21
CA SER A 3 27.08 6.58 41.35
C SER A 3 26.14 7.44 40.53
N LEU A 4 26.12 7.23 39.21
CA LEU A 4 25.21 7.98 38.35
C LEU A 4 23.75 7.53 38.50
N PHE A 5 23.53 6.38 39.14
CA PHE A 5 22.17 5.89 39.38
C PHE A 5 21.40 6.77 40.36
N THR A 6 22.12 7.37 41.32
CA THR A 6 21.49 8.03 42.47
C THR A 6 20.58 9.22 42.13
N THR A 7 20.91 9.93 41.07
CA THR A 7 20.08 11.01 40.59
C THR A 7 19.62 10.79 39.14
N ALA A 8 19.65 9.53 38.70
CA ALA A 8 19.18 9.19 37.36
C ALA A 8 17.73 9.57 37.19
N ASP A 9 17.44 10.29 36.12
CA ASP A 9 16.10 10.83 35.88
C ASP A 9 15.90 11.01 34.38
N HIS A 10 15.06 10.16 33.80
CA HIS A 10 14.83 10.16 32.36
C HIS A 10 14.27 11.48 31.83
N TYR A 11 13.69 12.31 32.68
CA TYR A 11 13.24 13.64 32.27
C TYR A 11 14.30 14.73 32.42
N HIS A 12 15.40 14.41 33.09
CA HIS A 12 16.48 15.37 33.31
C HIS A 12 17.87 14.72 33.15
N THR A 13 18.19 14.40 31.90
CA THR A 13 19.43 13.73 31.53
C THR A 13 20.46 14.78 31.10
N PRO A 14 21.66 14.77 31.73
CA PRO A 14 22.74 15.69 31.35
C PRO A 14 23.02 15.59 29.87
N LEU A 15 23.10 16.72 29.17
CA LEU A 15 23.39 16.70 27.75
C LEU A 15 24.85 17.03 27.52
N GLY A 16 25.48 16.32 26.59
CA GLY A 16 26.86 16.58 26.24
C GLY A 16 26.92 17.69 25.22
N PRO A 17 28.14 18.01 24.75
CA PRO A 17 28.37 19.09 23.77
C PRO A 17 27.66 18.88 22.41
N ASP A 18 27.42 17.62 22.04
CA ASP A 18 26.72 17.31 20.79
C ASP A 18 25.22 17.62 20.87
N GLY A 19 24.71 17.88 22.06
CA GLY A 19 23.30 18.16 22.21
C GLY A 19 22.46 17.02 22.75
N THR A 20 23.05 15.84 22.93
CA THR A 20 22.27 14.65 23.28
C THR A 20 22.67 14.11 24.64
N PRO A 21 21.87 13.20 25.22
CA PRO A 21 22.28 12.61 26.51
C PRO A 21 23.22 11.41 26.35
N HIS A 22 23.85 11.26 25.19
CA HIS A 22 24.55 10.02 24.88
C HIS A 22 25.87 9.84 25.63
N ALA A 23 26.58 10.93 25.87
CA ALA A 23 27.77 10.86 26.75
C ALA A 23 27.33 10.31 28.10
N PHE A 24 26.23 10.84 28.63
CA PHE A 24 25.71 10.37 29.91
C PHE A 24 25.23 8.91 29.80
N PHE A 25 24.59 8.54 28.69
CA PHE A 25 24.16 7.15 28.53
C PHE A 25 25.36 6.21 28.54
N GLU A 26 26.42 6.62 27.84
CA GLU A 26 27.65 5.85 27.80
C GLU A 26 28.28 5.71 29.21
N ALA A 27 28.35 6.81 29.95
CA ALA A 27 28.91 6.72 31.31
C ALA A 27 28.08 5.76 32.17
N LEU A 28 26.75 5.89 32.08
CA LEU A 28 25.86 5.06 32.86
C LEU A 28 25.96 3.57 32.46
N ARG A 29 26.12 3.33 31.16
CA ARG A 29 26.37 1.99 30.65
C ARG A 29 27.63 1.41 31.27
N ASP A 30 28.69 2.21 31.30
CA ASP A 30 29.95 1.77 31.89
C ASP A 30 29.77 1.40 33.36
N GLU A 31 29.04 2.22 34.10
CA GLU A 31 28.83 1.90 35.51
C GLU A 31 28.02 0.62 35.66
N ALA A 32 27.06 0.41 34.76
CA ALA A 32 26.14 -0.71 34.87
C ALA A 32 26.83 -2.08 34.72
N GLU A 33 28.05 -2.07 34.19
CA GLU A 33 28.82 -3.30 34.10
C GLU A 33 29.16 -3.81 35.50
N THR A 34 29.27 -2.88 36.44
CA THR A 34 29.51 -3.19 37.84
C THR A 34 28.20 -3.27 38.60
N THR A 35 27.26 -2.38 38.27
CA THR A 35 25.98 -2.33 38.95
C THR A 35 24.85 -2.20 37.95
N PRO A 36 24.28 -3.34 37.50
CA PRO A 36 23.26 -3.28 36.44
C PRO A 36 21.93 -2.70 36.90
N ILE A 37 21.68 -2.72 38.20
CA ILE A 37 20.45 -2.15 38.76
C ILE A 37 20.79 -1.21 39.92
N GLY A 38 20.31 0.03 39.82
CA GLY A 38 20.59 1.01 40.85
C GLY A 38 19.37 1.78 41.29
N TRP A 39 19.41 2.27 42.52
CA TRP A 39 18.34 3.06 43.09
C TRP A 39 18.54 4.54 42.76
N SER A 40 17.48 5.18 42.30
CA SER A 40 17.47 6.63 42.04
C SER A 40 16.54 7.30 43.04
N GLU A 41 16.95 8.46 43.54
CA GLU A 41 16.14 9.17 44.52
C GLU A 41 15.11 10.07 43.86
N ALA A 42 15.11 10.08 42.53
CA ALA A 42 14.15 10.88 41.77
C ALA A 42 12.76 10.27 41.89
N TYR A 43 11.72 11.11 41.77
CA TYR A 43 10.32 10.66 41.82
C TYR A 43 10.00 9.94 43.11
N GLY A 44 10.70 10.33 44.17
CA GLY A 44 10.46 9.75 45.47
C GLY A 44 11.17 8.43 45.67
N GLY A 45 11.91 7.96 44.66
CA GLY A 45 12.69 6.75 44.83
C GLY A 45 12.23 5.56 44.01
N HIS A 46 13.08 5.03 43.14
CA HIS A 46 12.70 3.90 42.30
C HIS A 46 13.91 3.16 41.78
N TRP A 47 13.71 1.98 41.21
CA TRP A 47 14.82 1.22 40.64
C TRP A 47 15.06 1.58 39.19
N VAL A 48 16.34 1.70 38.82
CA VAL A 48 16.74 1.97 37.45
C VAL A 48 17.46 0.74 36.91
N VAL A 49 16.85 0.10 35.90
CA VAL A 49 17.37 -1.17 35.37
C VAL A 49 18.10 -0.91 34.06
N ALA A 50 19.42 -1.04 34.11
CA ALA A 50 20.30 -0.60 33.03
C ALA A 50 20.95 -1.75 32.28
N GLY A 51 21.16 -2.88 32.95
CA GLY A 51 21.80 -4.02 32.31
C GLY A 51 20.88 -4.74 31.35
N TYR A 52 21.43 -5.15 30.21
CA TYR A 52 20.64 -5.84 29.19
C TYR A 52 19.94 -7.10 29.72
N LYS A 53 20.70 -8.01 30.32
CA LYS A 53 20.09 -9.26 30.76
C LYS A 53 19.15 -9.03 31.95
N GLU A 54 19.40 -7.96 32.70
CA GLU A 54 18.52 -7.62 33.80
C GLU A 54 17.20 -7.08 33.28
N ILE A 55 17.24 -6.30 32.22
CA ILE A 55 16.00 -5.82 31.64
C ILE A 55 15.21 -6.98 31.05
N GLN A 56 15.90 -7.91 30.41
CA GLN A 56 15.22 -9.08 29.85
C GLN A 56 14.51 -9.88 30.94
N ALA A 57 15.17 -10.02 32.08
CA ALA A 57 14.65 -10.78 33.22
C ALA A 57 13.40 -10.16 33.80
N VAL A 58 13.40 -8.84 33.93
CA VAL A 58 12.24 -8.11 34.43
C VAL A 58 11.07 -8.21 33.46
N ILE A 59 11.36 -7.96 32.20
CA ILE A 59 10.33 -7.88 31.18
C ILE A 59 9.68 -9.24 30.89
N GLN A 60 10.38 -10.34 31.18
CA GLN A 60 9.80 -11.66 31.01
C GLN A 60 8.97 -12.05 32.23
N ASN A 61 9.20 -11.38 33.34
CA ASN A 61 8.51 -11.72 34.58
C ASN A 61 7.23 -10.91 34.78
N THR A 62 6.14 -11.34 34.14
CA THR A 62 4.87 -10.62 34.24
C THR A 62 4.10 -10.96 35.51
N LYS A 63 4.60 -11.93 36.26
CA LYS A 63 4.03 -12.27 37.54
C LYS A 63 4.42 -11.29 38.66
N ALA A 64 5.63 -10.74 38.58
CA ALA A 64 6.13 -9.83 39.62
C ALA A 64 6.14 -8.35 39.20
N PHE A 65 6.09 -8.11 37.89
CA PHE A 65 6.18 -6.76 37.34
C PHE A 65 4.98 -6.44 36.47
N SER A 66 4.16 -5.51 36.92
CA SER A 66 2.91 -5.20 36.22
C SER A 66 3.02 -3.96 35.35
N ASN A 67 2.27 -3.98 34.24
CA ASN A 67 2.25 -2.86 33.29
C ASN A 67 1.34 -1.71 33.69
N LYS A 68 0.76 -1.82 34.89
CA LYS A 68 0.01 -0.72 35.48
C LYS A 68 0.95 0.46 35.69
N GLY A 69 2.24 0.17 35.83
CA GLY A 69 3.23 1.22 35.99
C GLY A 69 3.98 1.57 34.72
N VAL A 70 3.40 1.21 33.57
CA VAL A 70 4.08 1.39 32.29
C VAL A 70 4.57 2.83 32.04
N THR A 71 3.82 3.82 32.49
CA THR A 71 4.34 5.20 32.50
C THR A 71 4.69 5.65 33.93
N PHE A 72 5.88 6.20 34.10
CA PHE A 72 6.35 6.65 35.40
C PHE A 72 7.28 7.86 35.24
N PRO A 73 6.88 9.03 35.78
CA PRO A 73 5.60 9.29 36.44
C PRO A 73 4.45 9.18 35.43
N ARG A 74 3.24 8.93 35.92
CA ARG A 74 2.12 8.56 35.08
C ARG A 74 1.80 9.64 34.05
N TYR A 75 1.56 9.22 32.79
CA TYR A 75 1.09 10.12 31.75
C TYR A 75 -0.25 10.74 32.17
N GLU A 76 -0.48 11.98 31.75
CA GLU A 76 -1.74 12.64 32.06
C GLU A 76 -2.86 12.14 31.14
N THR A 77 -3.61 11.15 31.59
CA THR A 77 -4.72 10.64 30.79
C THR A 77 -5.99 10.58 31.62
N GLY A 78 -6.15 11.54 32.52
CA GLY A 78 -7.30 11.58 33.42
C GLY A 78 -7.53 10.22 34.03
N GLU A 79 -8.79 9.79 34.01
CA GLU A 79 -9.21 8.52 34.59
C GLU A 79 -9.03 7.37 33.62
N PHE A 80 -8.58 7.67 32.42
CA PHE A 80 -8.43 6.65 31.39
C PHE A 80 -7.08 5.98 31.45
N GLU A 81 -6.99 4.77 30.92
CA GLU A 81 -5.70 4.12 30.85
C GLU A 81 -5.34 3.77 29.42
N LEU A 82 -4.05 3.48 29.22
CA LEU A 82 -3.53 3.12 27.92
C LEU A 82 -3.90 1.67 27.61
N MET A 83 -4.68 1.44 26.56
CA MET A 83 -5.07 0.07 26.19
C MET A 83 -3.86 -0.75 25.77
N MET A 84 -3.89 -2.02 26.14
CA MET A 84 -2.79 -2.95 25.93
C MET A 84 -1.59 -2.60 26.82
N ALA A 85 -0.99 -1.42 26.62
CA ALA A 85 0.26 -1.06 27.29
C ALA A 85 0.15 -0.96 28.80
N GLY A 86 -1.01 -0.50 29.28
CA GLY A 86 -1.20 -0.34 30.71
C GLY A 86 -1.92 -1.49 31.39
N GLN A 87 -2.05 -2.63 30.72
CA GLN A 87 -2.78 -3.76 31.28
C GLN A 87 -1.93 -5.01 31.41
N ASP A 88 -2.36 -5.95 32.25
CA ASP A 88 -1.70 -7.24 32.36
C ASP A 88 -2.57 -8.32 31.71
N ASP A 89 -2.01 -9.51 31.50
CA ASP A 89 -2.84 -10.61 31.06
C ASP A 89 -3.76 -11.05 32.20
N PRO A 90 -4.94 -11.58 31.88
CA PRO A 90 -5.46 -11.90 30.53
C PRO A 90 -6.16 -10.72 29.87
N VAL A 91 -6.55 -9.70 30.64
CA VAL A 91 -7.16 -8.51 30.07
C VAL A 91 -6.38 -7.98 28.86
N HIS A 92 -5.06 -7.86 29.01
CA HIS A 92 -4.18 -7.34 27.96
C HIS A 92 -4.28 -8.12 26.65
N LYS A 93 -4.06 -9.44 26.71
CA LYS A 93 -4.13 -10.31 25.53
C LYS A 93 -5.47 -10.20 24.75
N LYS A 94 -6.59 -10.11 25.47
CA LYS A 94 -7.90 -9.99 24.83
C LYS A 94 -8.00 -8.73 24.00
N TYR A 95 -7.47 -7.63 24.52
CA TYR A 95 -7.55 -6.35 23.83
C TYR A 95 -6.61 -6.28 22.62
N ARG A 96 -5.42 -6.87 22.74
CA ARG A 96 -4.47 -6.81 21.65
C ARG A 96 -4.97 -7.61 20.43
N GLN A 97 -5.57 -8.77 20.70
CA GLN A 97 -6.19 -9.58 19.66
C GLN A 97 -7.17 -8.79 18.80
N LEU A 98 -7.84 -7.80 19.39
CA LEU A 98 -8.75 -6.96 18.58
C LEU A 98 -8.06 -6.19 17.46
N VAL A 99 -6.79 -5.83 17.64
CA VAL A 99 -6.10 -5.01 16.66
C VAL A 99 -4.84 -5.66 16.11
N ALA A 100 -4.68 -6.95 16.38
CA ALA A 100 -3.50 -7.68 15.89
C ALA A 100 -3.51 -7.70 14.37
N LYS A 101 -4.63 -8.13 13.81
CA LYS A 101 -4.82 -8.26 12.37
C LYS A 101 -4.51 -6.98 11.60
N PRO A 102 -5.15 -5.85 11.96
CA PRO A 102 -4.83 -4.67 11.16
C PRO A 102 -3.41 -4.11 11.36
N PHE A 103 -2.70 -4.58 12.38
CA PHE A 103 -1.33 -4.13 12.57
C PHE A 103 -0.30 -5.17 12.11
N SER A 104 -0.77 -6.26 11.52
CA SER A 104 0.13 -7.29 11.01
C SER A 104 0.87 -6.73 9.80
N PRO A 105 2.03 -7.32 9.46
CA PRO A 105 2.80 -6.82 8.32
C PRO A 105 2.01 -6.85 7.01
N GLU A 106 1.26 -7.91 6.73
CA GLU A 106 0.48 -7.97 5.50
CA GLU A 106 0.45 -7.99 5.51
C GLU A 106 -0.57 -6.84 5.40
N ALA A 107 -1.14 -6.46 6.55
CA ALA A 107 -2.12 -5.39 6.54
C ALA A 107 -1.49 -4.00 6.43
N THR A 108 -0.36 -3.77 7.09
CA THR A 108 0.20 -2.42 7.12
C THR A 108 0.98 -2.07 5.86
N ASP A 109 1.52 -3.09 5.18
CA ASP A 109 2.19 -2.87 3.89
C ASP A 109 1.28 -2.15 2.89
N LEU A 110 -0.03 -2.26 3.09
CA LEU A 110 -1.00 -1.55 2.26
C LEU A 110 -0.78 -0.04 2.27
N PHE A 111 -0.05 0.48 3.25
CA PHE A 111 0.17 1.92 3.36
C PHE A 111 1.44 2.42 2.69
N THR A 112 2.31 1.49 2.28
CA THR A 112 3.69 1.84 1.89
C THR A 112 3.77 2.93 0.81
N GLU A 113 3.07 2.72 -0.31
CA GLU A 113 3.10 3.69 -1.41
C GLU A 113 2.44 5.02 -1.07
N GLN A 114 1.43 5.01 -0.23
CA GLN A 114 0.85 6.28 0.20
C GLN A 114 1.81 7.00 1.13
N LEU A 115 2.58 6.24 1.90
CA LEU A 115 3.62 6.80 2.75
C LEU A 115 4.73 7.46 1.92
N ARG A 116 5.07 6.84 0.78
CA ARG A 116 6.07 7.44 -0.11
C ARG A 116 5.56 8.74 -0.71
N GLN A 117 4.32 8.71 -1.18
CA GLN A 117 3.70 9.89 -1.79
C GLN A 117 3.62 11.01 -0.76
N SER A 118 3.16 10.67 0.45
CA SER A 118 3.03 11.65 1.53
C SER A 118 4.36 12.29 1.89
N THR A 119 5.39 11.47 2.02
CA THR A 119 6.71 11.98 2.35
C THR A 119 7.21 12.94 1.28
N ASN A 120 7.01 12.55 0.02
CA ASN A 120 7.37 13.40 -1.10
C ASN A 120 6.59 14.71 -1.17
N ASP A 121 5.29 14.66 -0.86
CA ASP A 121 4.50 15.88 -0.84
C ASP A 121 4.97 16.81 0.28
N LEU A 122 5.36 16.24 1.41
CA LEU A 122 5.88 17.07 2.52
C LEU A 122 7.21 17.73 2.13
N ILE A 123 8.09 16.97 1.50
CA ILE A 123 9.35 17.52 1.04
C ILE A 123 9.12 18.68 0.06
N ASP A 124 8.16 18.52 -0.86
CA ASP A 124 7.76 19.59 -1.79
C ASP A 124 7.56 20.95 -1.14
N ALA A 125 7.06 20.93 0.09
CA ALA A 125 6.63 22.14 0.77
C ALA A 125 7.79 23.09 1.08
N ARG A 126 9.00 22.54 1.21
CA ARG A 126 10.14 23.37 1.60
C ARG A 126 11.39 23.25 0.73
N ILE A 127 11.40 22.31 -0.21
CA ILE A 127 12.62 22.03 -0.94
C ILE A 127 13.15 23.24 -1.71
N GLU A 128 12.23 24.10 -2.16
CA GLU A 128 12.59 25.32 -2.88
C GLU A 128 13.17 26.40 -1.94
N LEU A 129 12.93 26.25 -0.64
CA LEU A 129 13.35 27.22 0.37
C LEU A 129 14.81 27.09 0.85
N GLY A 130 15.35 25.87 0.82
CA GLY A 130 16.73 25.66 1.23
C GLY A 130 17.00 25.64 2.73
N GLU A 131 15.93 25.65 3.52
CA GLU A 131 16.08 25.55 4.97
C GLU A 131 14.78 25.08 5.58
N GLY A 132 14.86 24.48 6.76
CA GLY A 132 13.67 24.04 7.45
C GLY A 132 14.05 23.24 8.66
N ASP A 133 13.09 23.06 9.55
CA ASP A 133 13.27 22.25 10.74
C ASP A 133 12.81 20.85 10.38
N ALA A 134 13.75 19.90 10.25
CA ALA A 134 13.40 18.56 9.78
C ALA A 134 12.43 17.88 10.72
N ALA A 135 12.43 18.30 11.97
CA ALA A 135 11.51 17.76 12.97
C ALA A 135 10.09 18.23 12.66
N THR A 136 9.88 19.53 12.74
CA THR A 136 8.54 20.09 12.59
C THR A 136 8.03 19.83 11.17
N TRP A 137 8.94 19.89 10.20
CA TRP A 137 8.56 19.82 8.80
C TRP A 137 8.30 18.39 8.31
N LEU A 138 9.11 17.43 8.75
CA LEU A 138 8.95 16.05 8.25
C LEU A 138 8.77 14.99 9.33
N ALA A 139 9.69 14.95 10.28
CA ALA A 139 9.69 13.91 11.30
C ALA A 139 8.36 13.89 12.08
N ASN A 140 7.81 15.07 12.35
CA ASN A 140 6.52 15.17 13.02
C ASN A 140 5.34 14.82 12.13
N GLU A 141 5.39 15.25 10.86
CA GLU A 141 4.25 15.19 9.96
C GLU A 141 3.96 13.81 9.34
N ILE A 142 5.02 13.07 9.03
CA ILE A 142 4.85 11.76 8.41
C ILE A 142 4.04 10.82 9.30
N PRO A 143 4.42 10.66 10.58
CA PRO A 143 3.59 9.79 11.40
C PRO A 143 2.26 10.41 11.85
N ALA A 144 2.18 11.74 11.93
CA ALA A 144 0.93 12.38 12.31
C ALA A 144 -0.16 12.06 11.30
N ARG A 145 0.21 12.12 10.02
CA ARG A 145 -0.72 11.90 8.92
C ARG A 145 -1.08 10.43 8.82
N LEU A 146 -0.06 9.59 8.95
CA LEU A 146 -0.25 8.16 9.00
C LEU A 146 -1.22 7.80 10.16
N THR A 147 -0.96 8.37 11.32
CA THR A 147 -1.78 8.12 12.50
C THR A 147 -3.23 8.60 12.27
N ALA A 148 -3.38 9.80 11.74
CA ALA A 148 -4.71 10.32 11.41
C ALA A 148 -5.49 9.37 10.50
N ILE A 149 -4.81 8.78 9.53
CA ILE A 149 -5.47 7.81 8.65
C ILE A 149 -5.90 6.56 9.43
N LEU A 150 -5.03 6.08 10.31
CA LEU A 150 -5.33 4.92 11.14
C LEU A 150 -6.52 5.17 12.08
N LEU A 151 -6.65 6.39 12.57
CA LEU A 151 -7.69 6.72 13.56
C LEU A 151 -8.95 7.32 12.92
N GLY A 152 -8.92 7.50 11.60
CA GLY A 152 -10.04 8.11 10.90
C GLY A 152 -10.23 9.56 11.28
N LEU A 153 -9.10 10.26 11.48
CA LEU A 153 -9.11 11.68 11.84
C LEU A 153 -8.71 12.52 10.64
N PRO A 154 -9.12 13.80 10.63
CA PRO A 154 -8.69 14.76 9.61
C PRO A 154 -7.16 14.96 9.64
N PRO A 155 -6.48 14.66 8.51
CA PRO A 155 -5.01 14.62 8.55
C PRO A 155 -4.36 15.99 8.63
N GLU A 156 -5.12 17.07 8.43
CA GLU A 156 -4.56 18.42 8.46
C GLU A 156 -4.56 19.07 9.85
N ASP A 157 -4.94 18.32 10.88
CA ASP A 157 -5.04 18.87 12.22
C ASP A 157 -3.93 18.37 13.12
N GLY A 158 -2.74 18.20 12.54
CA GLY A 158 -1.58 17.73 13.26
C GLY A 158 -1.23 18.58 14.46
N ASP A 159 -1.35 19.90 14.31
CA ASP A 159 -1.13 20.83 15.44
C ASP A 159 -2.07 20.57 16.63
N THR A 160 -3.32 20.24 16.35
CA THR A 160 -4.26 19.90 17.43
C THR A 160 -3.81 18.61 18.12
N TYR A 161 -3.48 17.59 17.35
CA TYR A 161 -3.13 16.29 17.92
C TYR A 161 -1.85 16.40 18.75
N ARG A 162 -0.93 17.24 18.27
CA ARG A 162 0.35 17.51 18.93
C ARG A 162 0.16 18.24 20.25
N ARG A 163 -0.82 19.13 20.32
CA ARG A 163 -1.12 19.84 21.57
C ARG A 163 -1.63 18.84 22.60
N TRP A 164 -2.49 17.92 22.18
CA TRP A 164 -2.99 16.90 23.08
C TRP A 164 -1.85 16.03 23.62
N VAL A 165 -0.97 15.61 22.71
CA VAL A 165 0.11 14.71 23.07
C VAL A 165 1.04 15.39 24.05
N TRP A 166 1.25 16.69 23.84
CA TRP A 166 2.13 17.48 24.69
C TRP A 166 1.58 17.54 26.11
N ALA A 167 0.26 17.70 26.23
CA ALA A 167 -0.40 17.71 27.51
C ALA A 167 -0.25 16.38 28.24
N ILE A 168 -0.43 15.28 27.51
CA ILE A 168 -0.31 13.95 28.11
C ILE A 168 1.09 13.67 28.64
N THR A 169 2.10 14.14 27.93
CA THR A 169 3.49 13.77 28.16
C THR A 169 4.38 14.84 28.84
N HIS A 170 4.10 16.12 28.61
CA HIS A 170 5.07 17.17 28.98
C HIS A 170 4.58 18.42 29.74
N VAL A 171 3.34 18.85 29.56
CA VAL A 171 2.85 20.03 30.26
C VAL A 171 3.00 19.86 31.77
N GLU A 172 3.58 20.87 32.43
CA GLU A 172 3.91 20.79 33.85
C GLU A 172 2.75 21.15 34.77
N ASN A 173 2.07 22.24 34.45
CA ASN A 173 0.84 22.62 35.16
C ASN A 173 -0.22 21.56 34.91
N PRO A 174 -0.57 20.81 35.96
CA PRO A 174 -1.43 19.63 35.87
C PRO A 174 -2.89 20.00 35.61
N GLU A 175 -3.26 21.24 35.90
CA GLU A 175 -4.60 21.74 35.62
C GLU A 175 -4.77 21.90 34.10
N GLU A 176 -3.84 22.63 33.49
CA GLU A 176 -3.77 22.78 32.04
C GLU A 176 -3.70 21.42 31.35
N GLY A 177 -2.72 20.62 31.75
CA GLY A 177 -2.54 19.27 31.24
C GLY A 177 -3.81 18.43 31.26
N ALA A 178 -4.51 18.42 32.39
CA ALA A 178 -5.76 17.67 32.50
C ALA A 178 -6.83 18.28 31.60
N GLU A 179 -6.87 19.60 31.58
CA GLU A 179 -7.83 20.30 30.76
C GLU A 179 -7.63 19.93 29.30
N ILE A 180 -6.39 19.96 28.86
CA ILE A 180 -6.09 19.69 27.46
C ILE A 180 -6.33 18.22 27.12
N PHE A 181 -6.01 17.31 28.05
CA PHE A 181 -6.36 15.94 27.79
C PHE A 181 -7.90 15.77 27.70
N ALA A 182 -8.64 16.55 28.49
CA ALA A 182 -10.10 16.53 28.44
C ALA A 182 -10.64 16.96 27.08
N GLU A 183 -9.90 17.79 26.36
CA GLU A 183 -10.29 18.19 25.02
C GLU A 183 -10.21 17.01 24.07
N LEU A 184 -9.12 16.24 24.19
CA LEU A 184 -8.93 15.03 23.41
C LEU A 184 -10.13 14.11 23.59
N VAL A 185 -10.45 13.86 24.85
CA VAL A 185 -11.60 13.02 25.22
C VAL A 185 -12.90 13.48 24.59
N ALA A 186 -13.12 14.80 24.55
CA ALA A 186 -14.30 15.36 23.92
C ALA A 186 -14.33 15.07 22.41
N HIS A 187 -13.22 15.35 21.71
CA HIS A 187 -13.08 15.01 20.31
C HIS A 187 -13.19 13.51 20.07
N ALA A 188 -12.60 12.72 20.96
CA ALA A 188 -12.71 11.26 20.83
C ALA A 188 -14.17 10.76 20.95
N ARG A 189 -14.93 11.34 21.86
CA ARG A 189 -16.33 10.92 22.03
C ARG A 189 -17.16 11.19 20.76
N THR A 190 -16.92 12.33 20.15
CA THR A 190 -17.64 12.74 18.96
C THR A 190 -17.35 11.76 17.84
N LEU A 191 -16.06 11.53 17.59
CA LEU A 191 -15.61 10.60 16.57
C LEU A 191 -16.21 9.20 16.74
N ILE A 192 -16.16 8.68 17.96
CA ILE A 192 -16.72 7.36 18.26
C ILE A 192 -18.21 7.32 17.91
N ALA A 193 -18.94 8.35 18.32
CA ALA A 193 -20.36 8.44 18.03
C ALA A 193 -20.61 8.45 16.53
N GLU A 194 -19.74 9.18 15.80
CA GLU A 194 -19.86 9.27 14.36
C GLU A 194 -19.52 7.96 13.63
N ARG A 195 -18.51 7.25 14.12
CA ARG A 195 -18.15 5.98 13.51
C ARG A 195 -19.19 4.91 13.83
N ARG A 196 -19.83 5.06 14.98
CA ARG A 196 -20.87 4.14 15.41
C ARG A 196 -22.01 4.01 14.38
N THR A 197 -22.38 5.14 13.77
CA THR A 197 -23.49 5.15 12.83
C THR A 197 -22.97 4.97 11.41
N ASN A 198 -21.87 5.64 11.08
CA ASN A 198 -21.24 5.49 9.78
C ASN A 198 -19.80 4.98 9.90
N PRO A 199 -19.62 3.68 10.16
CA PRO A 199 -18.28 3.11 10.32
C PRO A 199 -17.46 3.10 9.03
N GLY A 200 -16.13 3.10 9.18
CA GLY A 200 -15.21 3.02 8.06
C GLY A 200 -14.24 1.86 8.20
N ASN A 201 -13.10 1.98 7.52
CA ASN A 201 -12.10 0.91 7.51
C ASN A 201 -11.02 1.07 8.59
N ASP A 202 -11.04 2.21 9.24
CA ASP A 202 -10.00 2.60 10.18
C ASP A 202 -10.03 1.74 11.43
N ILE A 203 -8.98 1.88 12.24
CA ILE A 203 -8.85 1.11 13.47
C ILE A 203 -9.92 1.45 14.51
N MET A 204 -10.33 2.72 14.60
CA MET A 204 -11.32 3.09 15.61
C MET A 204 -12.65 2.44 15.27
N SER A 205 -13.09 2.60 14.02
CA SER A 205 -14.32 1.99 13.52
C SER A 205 -14.31 0.52 13.89
N ARG A 206 -13.17 -0.13 13.67
CA ARG A 206 -13.00 -1.55 13.90
C ARG A 206 -13.21 -1.93 15.37
N VAL A 207 -12.53 -1.21 16.26
CA VAL A 207 -12.61 -1.53 17.67
C VAL A 207 -13.99 -1.15 18.24
N ILE A 208 -14.60 -0.12 17.68
CA ILE A 208 -15.94 0.26 18.08
C ILE A 208 -16.93 -0.86 17.74
N MET A 209 -16.71 -1.52 16.61
CA MET A 209 -17.57 -2.63 16.18
C MET A 209 -17.18 -3.97 16.82
N SER A 210 -16.19 -3.94 17.69
CA SER A 210 -15.62 -5.18 18.22
C SER A 210 -16.38 -5.71 19.43
N LYS A 211 -16.06 -6.93 19.82
CA LYS A 211 -16.68 -7.51 20.99
C LYS A 211 -15.75 -8.43 21.76
N ILE A 212 -15.64 -8.18 23.07
CA ILE A 212 -14.88 -9.05 23.96
C ILE A 212 -15.82 -9.79 24.88
N ASP A 213 -15.78 -11.11 24.81
CA ASP A 213 -16.66 -11.97 25.59
C ASP A 213 -18.12 -11.56 25.38
N GLY A 214 -18.52 -11.49 24.12
CA GLY A 214 -19.90 -11.17 23.76
C GLY A 214 -20.32 -9.71 23.95
N GLU A 215 -19.51 -8.94 24.67
CA GLU A 215 -19.89 -7.56 24.98
C GLU A 215 -19.04 -6.51 24.25
N SER A 216 -19.69 -5.44 23.84
CA SER A 216 -19.00 -4.34 23.19
C SER A 216 -18.18 -3.60 24.22
N LEU A 217 -17.14 -2.91 23.74
CA LEU A 217 -16.24 -2.21 24.63
C LEU A 217 -16.87 -0.94 25.17
N SER A 218 -16.53 -0.61 26.42
CA SER A 218 -16.95 0.66 27.00
C SER A 218 -16.34 1.82 26.22
N GLU A 219 -16.94 2.99 26.34
CA GLU A 219 -16.41 4.19 25.69
C GLU A 219 -15.00 4.51 26.21
N ASP A 220 -14.78 4.29 27.51
CA ASP A 220 -13.46 4.49 28.11
C ASP A 220 -12.38 3.57 27.51
N ASP A 221 -12.73 2.31 27.26
CA ASP A 221 -11.83 1.40 26.56
C ASP A 221 -11.43 1.97 25.20
N LEU A 222 -12.44 2.31 24.39
CA LEU A 222 -12.25 2.92 23.07
C LEU A 222 -11.37 4.18 23.13
N ILE A 223 -11.59 5.01 24.14
CA ILE A 223 -10.75 6.19 24.35
C ILE A 223 -9.32 5.80 24.71
N GLY A 224 -9.17 4.69 25.40
CA GLY A 224 -7.86 4.17 25.71
C GLY A 224 -7.12 3.73 24.46
N PHE A 225 -7.83 3.04 23.57
CA PHE A 225 -7.26 2.61 22.30
C PHE A 225 -6.81 3.85 21.52
N PHE A 226 -7.72 4.80 21.39
CA PHE A 226 -7.48 6.05 20.68
C PHE A 226 -6.23 6.74 21.19
N THR A 227 -6.08 6.74 22.52
CA THR A 227 -5.03 7.51 23.17
C THR A 227 -3.66 6.90 22.94
N ILE A 228 -3.52 5.58 23.11
CA ILE A 228 -2.19 4.99 22.96
C ILE A 228 -1.73 4.99 21.50
N LEU A 229 -2.65 4.71 20.58
CA LEU A 229 -2.30 4.76 19.16
C LEU A 229 -1.84 6.15 18.76
N LEU A 230 -2.54 7.17 19.24
CA LEU A 230 -2.16 8.54 18.93
C LEU A 230 -0.75 8.83 19.47
N LEU A 231 -0.48 8.34 20.68
CA LEU A 231 0.84 8.50 21.29
C LEU A 231 1.96 7.81 20.48
N GLY A 232 1.76 6.54 20.14
CA GLY A 232 2.74 5.81 19.34
C GLY A 232 3.22 6.58 18.11
N GLY A 233 2.31 7.31 17.47
CA GLY A 233 2.66 8.08 16.28
C GLY A 233 3.26 9.44 16.57
N ILE A 234 2.50 10.28 17.24
CA ILE A 234 2.88 11.68 17.38
C ILE A 234 4.04 11.90 18.38
N ASP A 235 4.18 11.00 19.34
CA ASP A 235 5.29 11.09 20.26
C ASP A 235 6.46 10.19 19.78
N ASN A 236 6.34 8.88 20.03
CA ASN A 236 7.43 7.94 19.81
C ASN A 236 8.09 8.00 18.43
N THR A 237 7.30 7.91 17.36
CA THR A 237 7.84 7.89 16.00
C THR A 237 8.41 9.23 15.60
N ALA A 238 7.71 10.30 15.91
CA ALA A 238 8.17 11.65 15.60
C ALA A 238 9.53 11.96 16.22
N ARG A 239 9.72 11.55 17.48
CA ARG A 239 10.98 11.80 18.16
C ARG A 239 12.10 10.92 17.59
N PHE A 240 11.78 9.68 17.29
CA PHE A 240 12.75 8.78 16.69
C PHE A 240 13.21 9.31 15.34
N LEU A 241 12.26 9.63 14.47
CA LEU A 241 12.61 10.15 13.16
C LEU A 241 13.38 11.47 13.24
N SER A 242 13.06 12.32 14.21
CA SER A 242 13.77 13.59 14.33
C SER A 242 15.24 13.33 14.68
N SER A 243 15.49 12.39 15.57
CA SER A 243 16.87 12.07 15.97
C SER A 243 17.65 11.52 14.76
N VAL A 244 16.99 10.69 13.96
CA VAL A 244 17.59 10.14 12.76
C VAL A 244 17.95 11.24 11.77
N PHE A 245 17.01 12.14 11.49
CA PHE A 245 17.29 13.28 10.61
C PHE A 245 18.45 14.08 11.13
N TRP A 246 18.51 14.28 12.44
CA TRP A 246 19.62 15.00 13.06
C TRP A 246 20.97 14.31 12.79
N ARG A 247 21.02 12.99 12.97
CA ARG A 247 22.25 12.23 12.78
C ARG A 247 22.72 12.31 11.33
N LEU A 248 21.79 12.09 10.41
CA LEU A 248 22.08 12.14 8.99
C LEU A 248 22.55 13.53 8.56
N ALA A 249 22.10 14.56 9.28
CA ALA A 249 22.50 15.92 8.94
C ALA A 249 24.00 16.19 9.10
N TRP A 250 24.60 15.71 10.20
CA TRP A 250 26.04 15.89 10.40
C TRP A 250 26.94 14.69 10.05
N ASP A 251 26.40 13.48 10.10
CA ASP A 251 27.20 12.27 9.90
C ASP A 251 27.28 11.95 8.40
N ILE A 252 28.16 12.65 7.70
CA ILE A 252 28.27 12.55 6.24
C ILE A 252 28.75 11.15 5.80
N GLU A 253 29.42 10.46 6.71
CA GLU A 253 29.89 9.11 6.43
C GLU A 253 28.71 8.13 6.42
N LEU A 254 27.86 8.18 7.43
CA LEU A 254 26.62 7.38 7.43
C LEU A 254 25.77 7.72 6.20
N ARG A 255 25.59 9.01 5.98
CA ARG A 255 24.71 9.44 4.91
C ARG A 255 25.13 8.88 3.55
N ARG A 256 26.39 9.05 3.17
CA ARG A 256 26.83 8.60 1.84
C ARG A 256 26.70 7.11 1.68
N ARG A 257 26.81 6.36 2.77
CA ARG A 257 26.66 4.91 2.66
C ARG A 257 25.21 4.48 2.42
N LEU A 258 24.25 5.11 3.10
CA LEU A 258 22.86 4.74 2.87
C LEU A 258 22.44 5.10 1.43
N ILE A 259 23.06 6.15 0.88
CA ILE A 259 22.75 6.54 -0.48
C ILE A 259 23.38 5.55 -1.46
N ALA A 260 24.60 5.11 -1.16
CA ALA A 260 25.29 4.14 -2.00
C ALA A 260 24.76 2.71 -1.83
N HIS A 261 24.18 2.39 -0.67
CA HIS A 261 23.66 1.05 -0.42
C HIS A 261 22.20 1.01 0.07
N PRO A 262 21.26 1.34 -0.83
CA PRO A 262 19.84 1.39 -0.46
C PRO A 262 19.37 0.04 0.01
N GLU A 263 20.03 -1.03 -0.43
CA GLU A 263 19.70 -2.36 0.05
C GLU A 263 20.02 -2.51 1.54
N LEU A 264 20.81 -1.59 2.09
CA LEU A 264 21.19 -1.64 3.50
C LEU A 264 20.27 -0.81 4.39
N ILE A 265 19.43 -0.01 3.79
CA ILE A 265 18.55 0.88 4.55
C ILE A 265 17.68 0.20 5.64
N PRO A 266 17.04 -0.95 5.33
CA PRO A 266 16.23 -1.59 6.39
C PRO A 266 17.06 -1.99 7.61
N ASN A 267 18.25 -2.53 7.35
CA ASN A 267 19.12 -2.99 8.43
C ASN A 267 19.66 -1.82 9.23
N ALA A 268 19.90 -0.72 8.53
CA ALA A 268 20.40 0.47 9.17
C ALA A 268 19.28 1.07 10.05
N VAL A 269 18.06 0.97 9.56
CA VAL A 269 16.91 1.42 10.35
C VAL A 269 16.84 0.68 11.67
N ASP A 270 17.13 -0.61 11.62
CA ASP A 270 17.20 -1.43 12.82
CA ASP A 270 17.17 -1.40 12.83
C ASP A 270 18.31 -0.92 13.73
N GLU A 271 19.46 -0.59 13.13
CA GLU A 271 20.58 -0.11 13.91
C GLU A 271 20.29 1.26 14.47
N LEU A 272 19.70 2.12 13.66
CA LEU A 272 19.24 3.41 14.16
C LEU A 272 18.26 3.28 15.35
N LEU A 273 17.32 2.33 15.26
CA LEU A 273 16.40 2.03 16.36
C LEU A 273 17.14 1.64 17.64
N ARG A 274 18.16 0.81 17.50
CA ARG A 274 19.00 0.46 18.65
C ARG A 274 19.62 1.74 19.21
N PHE A 275 20.14 2.59 18.33
CA PHE A 275 20.96 3.71 18.78
C PHE A 275 20.14 4.95 19.23
N TYR A 276 19.07 5.24 18.51
CA TYR A 276 18.23 6.40 18.83
C TYR A 276 16.82 6.05 19.30
N GLY A 277 16.61 4.79 19.67
CA GLY A 277 15.36 4.35 20.28
C GLY A 277 14.97 5.22 21.46
N PRO A 278 13.90 6.01 21.32
CA PRO A 278 13.52 7.05 22.27
C PRO A 278 12.89 6.56 23.59
N ALA A 279 12.36 5.34 23.60
CA ALA A 279 11.50 4.94 24.71
C ALA A 279 12.21 4.29 25.89
N MET A 280 11.63 4.51 27.07
CA MET A 280 11.87 3.72 28.26
C MET A 280 10.47 3.35 28.77
N VAL A 281 10.36 2.31 29.58
CA VAL A 281 9.06 1.94 30.15
C VAL A 281 9.24 1.64 31.63
N GLY A 282 8.16 1.77 32.40
CA GLY A 282 8.18 1.41 33.81
C GLY A 282 7.48 0.09 34.11
N ARG A 283 7.74 -0.46 35.28
CA ARG A 283 7.03 -1.65 35.76
C ARG A 283 6.67 -1.43 37.22
N LEU A 284 5.42 -1.74 37.59
CA LEU A 284 5.01 -1.74 38.99
C LEU A 284 5.34 -3.10 39.59
N VAL A 285 6.11 -3.11 40.68
CA VAL A 285 6.42 -4.36 41.36
C VAL A 285 5.20 -4.82 42.18
N THR A 286 4.72 -6.03 41.91
CA THR A 286 3.50 -6.55 42.57
C THR A 286 3.80 -7.64 43.60
N GLN A 287 4.98 -8.22 43.52
CA GLN A 287 5.43 -9.12 44.55
C GLN A 287 6.94 -9.07 44.74
N GLU A 288 7.39 -9.44 45.94
CA GLU A 288 8.81 -9.42 46.23
C GLU A 288 9.54 -10.27 45.20
N VAL A 289 10.61 -9.72 44.66
CA VAL A 289 11.32 -10.36 43.56
C VAL A 289 12.80 -9.97 43.62
N THR A 290 13.67 -10.93 43.32
CA THR A 290 15.09 -10.66 43.32
C THR A 290 15.61 -10.76 41.89
N VAL A 291 16.29 -9.70 41.44
CA VAL A 291 16.91 -9.68 40.13
C VAL A 291 18.35 -9.31 40.33
N GLY A 292 19.26 -10.21 39.97
CA GLY A 292 20.67 -10.04 40.27
C GLY A 292 20.88 -9.85 41.77
N ASP A 293 21.51 -8.74 42.13
CA ASP A 293 21.85 -8.44 43.52
C ASP A 293 20.74 -7.74 44.30
N ILE A 294 19.72 -7.29 43.58
CA ILE A 294 18.73 -6.39 44.15
C ILE A 294 17.43 -7.10 44.45
N THR A 295 16.85 -6.80 45.60
CA THR A 295 15.54 -7.33 45.95
C THR A 295 14.51 -6.19 45.95
N MET A 296 13.49 -6.33 45.11
CA MET A 296 12.49 -5.28 44.97
C MET A 296 11.22 -5.63 45.74
N LYS A 297 10.47 -4.62 46.16
CA LYS A 297 9.29 -4.82 47.00
C LYS A 297 8.01 -4.26 46.38
N PRO A 298 6.87 -4.93 46.62
CA PRO A 298 5.57 -4.49 46.10
C PRO A 298 5.35 -3.01 46.33
N GLY A 299 4.78 -2.33 45.34
CA GLY A 299 4.58 -0.89 45.43
C GLY A 299 5.69 -0.06 44.81
N GLN A 300 6.91 -0.61 44.78
CA GLN A 300 8.04 0.06 44.12
C GLN A 300 7.92 -0.02 42.59
N THR A 301 8.62 0.88 41.91
CA THR A 301 8.59 0.93 40.46
C THR A 301 9.98 0.72 39.87
N ALA A 302 10.07 -0.04 38.77
CA ALA A 302 11.34 -0.17 38.05
C ALA A 302 11.25 0.50 36.70
N MET A 303 12.19 1.41 36.42
CA MET A 303 12.29 2.00 35.10
C MET A 303 13.30 1.18 34.29
N LEU A 304 12.83 0.66 33.16
CA LEU A 304 13.66 -0.10 32.24
C LEU A 304 14.32 0.86 31.24
N TRP A 305 15.59 1.14 31.49
CA TRP A 305 16.37 2.08 30.68
C TRP A 305 16.89 1.42 29.41
N PHE A 306 15.98 1.13 28.49
CA PHE A 306 16.32 0.53 27.20
C PHE A 306 17.60 1.08 26.51
N PRO A 307 17.76 2.41 26.39
CA PRO A 307 18.94 2.95 25.70
C PRO A 307 20.27 2.48 26.28
N ILE A 308 20.31 2.19 27.57
CA ILE A 308 21.54 1.77 28.22
C ILE A 308 21.75 0.28 27.93
N ALA A 309 20.67 -0.49 27.97
CA ALA A 309 20.72 -1.92 27.66
C ALA A 309 21.16 -2.11 26.22
N SER A 310 20.73 -1.18 25.37
CA SER A 310 21.07 -1.24 23.95
C SER A 310 22.55 -0.92 23.72
N ARG A 311 23.26 -0.51 24.76
CA ARG A 311 24.69 -0.23 24.63
C ARG A 311 25.54 -1.17 25.50
N ASP A 312 24.91 -2.24 25.99
CA ASP A 312 25.58 -3.24 26.81
C ASP A 312 26.63 -4.00 25.99
N ARG A 313 27.89 -3.89 26.41
CA ARG A 313 28.99 -4.53 25.67
C ARG A 313 28.91 -6.05 25.68
N SER A 314 28.18 -6.61 26.64
CA SER A 314 28.02 -8.07 26.68
C SER A 314 26.90 -8.54 25.76
N ALA A 315 26.17 -7.60 25.16
CA ALA A 315 25.13 -8.00 24.22
C ALA A 315 25.39 -7.49 22.78
N PHE A 316 26.20 -6.46 22.65
CA PHE A 316 26.53 -5.88 21.34
C PHE A 316 28.03 -5.57 21.22
N ASP A 317 28.64 -5.97 20.11
CA ASP A 317 30.02 -5.54 19.86
C ASP A 317 30.03 -4.13 19.35
N SER A 318 31.03 -3.37 19.79
CA SER A 318 31.13 -1.97 19.45
C SER A 318 29.78 -1.22 19.59
N PRO A 319 29.16 -1.27 20.79
CA PRO A 319 27.83 -0.70 21.02
C PRO A 319 27.73 0.80 20.77
N ASP A 320 28.86 1.50 20.85
CA ASP A 320 28.88 2.95 20.69
C ASP A 320 28.99 3.37 19.25
N ASN A 321 29.12 2.40 18.36
CA ASN A 321 29.19 2.68 16.93
C ASN A 321 27.92 2.23 16.23
N ILE A 322 27.47 3.06 15.30
CA ILE A 322 26.37 2.72 14.41
C ILE A 322 26.93 1.88 13.27
N VAL A 323 26.81 0.56 13.41
CA VAL A 323 27.24 -0.30 12.31
C VAL A 323 26.02 -0.82 11.52
N ILE A 324 25.84 -0.23 10.36
CA ILE A 324 24.60 -0.41 9.60
C ILE A 324 24.38 -1.85 9.14
N GLU A 325 25.44 -2.63 9.08
CA GLU A 325 25.33 -4.02 8.69
C GLU A 325 25.18 -4.94 9.91
N ARG A 326 25.01 -4.36 11.10
CA ARG A 326 24.84 -5.16 12.31
C ARG A 326 23.73 -6.20 12.19
N THR A 327 24.07 -7.44 12.49
CA THR A 327 23.13 -8.55 12.53
C THR A 327 23.71 -9.70 13.36
N PRO A 328 22.88 -10.36 14.19
CA PRO A 328 21.51 -9.96 14.48
C PRO A 328 21.58 -8.72 15.37
N ASN A 329 20.45 -8.08 15.59
CA ASN A 329 20.45 -6.84 16.33
C ASN A 329 19.29 -6.89 17.29
N ARG A 330 19.47 -7.60 18.39
CA ARG A 330 18.37 -7.87 19.29
C ARG A 330 18.20 -6.80 20.37
N HIS A 331 18.07 -5.55 19.90
CA HIS A 331 17.89 -4.40 20.76
C HIS A 331 16.50 -4.42 21.40
N LEU A 332 16.30 -3.59 22.41
CA LEU A 332 15.04 -3.57 23.14
C LEU A 332 14.22 -2.32 22.82
N SER A 333 14.64 -1.55 21.82
CA SER A 333 13.96 -0.31 21.45
C SER A 333 12.44 -0.47 21.17
N LEU A 334 12.01 -1.65 20.73
CA LEU A 334 10.58 -1.89 20.52
C LEU A 334 9.99 -2.84 21.56
N GLY A 335 10.68 -2.97 22.69
CA GLY A 335 10.26 -3.88 23.73
C GLY A 335 10.54 -5.33 23.37
N HIS A 336 10.10 -6.21 24.26
CA HIS A 336 10.29 -7.64 24.10
C HIS A 336 9.21 -8.33 24.91
N GLY A 337 8.80 -9.51 24.47
CA GLY A 337 7.76 -10.27 25.16
C GLY A 337 6.36 -9.82 24.79
N ILE A 338 5.44 -9.95 25.73
CA ILE A 338 4.02 -9.81 25.44
C ILE A 338 3.59 -8.37 25.16
N HIS A 339 4.40 -7.40 25.56
CA HIS A 339 4.06 -6.00 25.29
C HIS A 339 4.82 -5.40 24.12
N ARG A 340 5.53 -6.26 23.39
CA ARG A 340 6.29 -5.89 22.20
C ARG A 340 5.50 -4.93 21.32
N CYS A 341 6.15 -3.86 20.87
CA CYS A 341 5.52 -2.82 20.07
C CYS A 341 4.59 -3.34 18.96
N LEU A 342 3.35 -2.86 19.00
CA LEU A 342 2.30 -3.21 18.04
C LEU A 342 2.63 -2.64 16.68
N GLY A 343 3.08 -1.39 16.64
CA GLY A 343 3.47 -0.78 15.38
C GLY A 343 4.64 -1.42 14.61
N ALA A 344 5.39 -2.31 15.25
CA ALA A 344 6.75 -2.73 14.84
C ALA A 344 7.11 -2.71 13.34
N HIS A 345 6.52 -3.59 12.55
CA HIS A 345 6.83 -3.66 11.14
C HIS A 345 6.45 -2.35 10.43
N LEU A 346 5.33 -1.78 10.83
CA LEU A 346 4.86 -0.51 10.24
C LEU A 346 5.86 0.62 10.50
N ILE A 347 6.40 0.70 11.73
CA ILE A 347 7.38 1.75 11.98
C ILE A 347 8.68 1.54 11.16
N ARG A 348 9.14 0.30 11.03
CA ARG A 348 10.27 -0.01 10.16
C ARG A 348 10.05 0.46 8.73
N VAL A 349 8.92 0.07 8.14
CA VAL A 349 8.58 0.49 6.77
C VAL A 349 8.53 2.01 6.68
N GLU A 350 7.91 2.65 7.67
CA GLU A 350 7.80 4.11 7.71
C GLU A 350 9.17 4.80 7.82
N ALA A 351 10.04 4.28 8.69
CA ALA A 351 11.38 4.84 8.80
C ALA A 351 12.15 4.64 7.49
N ARG A 352 12.02 3.45 6.90
CA ARG A 352 12.69 3.15 5.64
C ARG A 352 12.30 4.12 4.54
N VAL A 353 11.00 4.39 4.44
CA VAL A 353 10.46 5.25 3.38
C VAL A 353 10.88 6.69 3.64
N ALA A 354 10.75 7.12 4.90
CA ALA A 354 11.18 8.46 5.31
C ALA A 354 12.62 8.75 4.87
N ILE A 355 13.50 7.81 5.17
CA ILE A 355 14.91 8.00 4.93
C ILE A 355 15.22 7.93 3.45
N THR A 356 14.69 6.90 2.78
CA THR A 356 14.91 6.70 1.36
C THR A 356 14.50 7.92 0.51
N GLU A 357 13.32 8.47 0.75
CA GLU A 357 12.82 9.57 -0.08
C GLU A 357 13.53 10.88 0.25
N PHE A 358 13.90 11.05 1.51
CA PHE A 358 14.57 12.27 1.91
C PHE A 358 15.96 12.36 1.27
N LEU A 359 16.71 11.26 1.32
CA LEU A 359 18.07 11.23 0.80
C LEU A 359 18.04 11.28 -0.73
N LYS A 360 16.98 10.73 -1.30
CA LYS A 360 16.76 10.77 -2.73
C LYS A 360 16.52 12.22 -3.19
N ARG A 361 15.75 12.97 -2.41
CA ARG A 361 15.39 14.35 -2.80
C ARG A 361 16.44 15.36 -2.38
N ILE A 362 17.01 15.15 -1.19
CA ILE A 362 17.96 16.10 -0.62
C ILE A 362 19.18 15.34 -0.12
N PRO A 363 20.08 14.94 -1.05
CA PRO A 363 21.26 14.15 -0.66
C PRO A 363 22.34 14.99 0.03
N GLU A 364 22.24 16.31 -0.05
CA GLU A 364 23.22 17.18 0.60
C GLU A 364 22.51 18.19 1.48
N PHE A 365 22.88 18.19 2.76
CA PHE A 365 22.30 19.10 3.73
C PHE A 365 23.13 19.08 4.99
N SER A 366 22.87 20.03 5.88
CA SER A 366 23.61 20.12 7.13
C SER A 366 22.79 20.87 8.17
N LEU A 367 23.24 20.81 9.41
CA LEU A 367 22.60 21.54 10.48
C LEU A 367 22.77 23.02 10.23
N ASP A 368 21.75 23.80 10.57
CA ASP A 368 21.78 25.25 10.42
C ASP A 368 22.66 25.85 11.50
N PRO A 369 23.76 26.51 11.10
CA PRO A 369 24.67 27.13 12.07
C PRO A 369 24.06 28.28 12.86
N ASN A 370 22.94 28.82 12.38
CA ASN A 370 22.33 29.99 13.02
C ASN A 370 21.05 29.71 13.79
N LYS A 371 20.68 28.44 13.86
CA LYS A 371 19.52 28.04 14.64
C LYS A 371 19.92 26.85 15.49
N GLU A 372 19.31 26.72 16.67
CA GLU A 372 19.74 25.73 17.64
C GLU A 372 18.97 24.43 17.48
N CYS A 373 19.63 23.31 17.69
CA CYS A 373 18.93 22.05 17.85
C CYS A 373 18.44 21.97 19.27
N GLU A 374 17.46 21.10 19.52
CA GLU A 374 16.93 20.90 20.87
C GLU A 374 16.49 19.44 21.09
N TRP A 375 17.06 18.81 22.11
CA TRP A 375 16.69 17.46 22.52
C TRP A 375 15.55 17.54 23.53
N LEU A 376 14.53 16.71 23.35
CA LEU A 376 13.45 16.62 24.32
C LEU A 376 13.67 15.41 25.24
N MET A 377 13.78 15.68 26.54
CA MET A 377 13.95 14.63 27.53
C MET A 377 12.60 14.13 28.00
N GLY A 378 12.54 12.90 28.45
CA GLY A 378 11.28 12.35 28.91
C GLY A 378 11.34 10.85 28.86
N GLN A 379 10.20 10.21 29.08
CA GLN A 379 10.10 8.77 28.96
C GLN A 379 10.26 8.38 27.50
N VAL A 380 9.96 9.34 26.62
CA VAL A 380 10.25 9.24 25.20
C VAL A 380 11.17 10.42 24.85
N ALA A 381 12.43 10.13 24.52
CA ALA A 381 13.45 11.17 24.33
C ALA A 381 14.08 11.16 22.95
N GLY A 382 14.15 12.33 22.34
CA GLY A 382 14.70 12.47 21.00
C GLY A 382 14.68 13.92 20.61
N MET A 383 15.23 14.23 19.44
CA MET A 383 15.29 15.61 19.00
C MET A 383 13.90 16.24 18.74
N LEU A 384 13.73 17.48 19.19
CA LEU A 384 12.48 18.21 19.02
C LEU A 384 12.63 19.24 17.91
N HIS A 385 13.82 19.83 17.82
CA HIS A 385 14.11 20.77 16.75
C HIS A 385 15.42 20.44 16.05
N VAL A 386 15.32 20.25 14.74
CA VAL A 386 16.49 19.93 13.91
C VAL A 386 16.57 20.86 12.69
N PRO A 387 16.99 22.12 12.91
CA PRO A 387 17.09 23.08 11.80
C PRO A 387 18.18 22.73 10.81
N ILE A 388 17.83 22.59 9.54
CA ILE A 388 18.78 22.25 8.51
C ILE A 388 18.77 23.25 7.36
N ILE A 389 19.83 23.21 6.56
CA ILE A 389 19.94 24.02 5.37
C ILE A 389 20.42 23.13 4.25
N PHE A 390 20.08 23.48 3.03
CA PHE A 390 20.38 22.62 1.92
C PHE A 390 20.24 23.44 0.65
N PRO A 391 20.92 23.03 -0.43
CA PRO A 391 20.73 23.73 -1.71
C PRO A 391 19.29 23.61 -2.20
N LYS A 392 18.71 24.74 -2.60
CA LYS A 392 17.32 24.79 -3.01
C LYS A 392 17.06 23.80 -4.13
N GLY A 393 15.91 23.11 -4.05
CA GLY A 393 15.62 22.08 -5.02
C GLY A 393 14.33 22.34 -5.77
N LYS A 394 13.79 21.30 -6.39
CA LYS A 394 12.53 21.45 -7.11
C LYS A 394 11.48 20.45 -6.65
N ARG A 395 10.24 20.92 -6.56
CA ARG A 395 9.10 20.07 -6.22
C ARG A 395 8.86 19.05 -7.32
N LEU A 396 8.30 17.91 -6.95
CA LEU A 396 7.84 16.94 -7.95
C LEU A 396 6.45 17.30 -8.41
N SER A 397 5.67 17.87 -7.49
CA SER A 397 4.25 18.15 -7.72
C SER A 397 3.95 19.64 -7.64
N GLU A 398 3.61 20.21 -8.80
CA GLU A 398 3.39 21.65 -8.94
C GLU A 398 2.41 22.20 -7.90
N THR B 2 -29.38 -20.99 -40.31
CA THR B 2 -28.27 -20.05 -40.57
C THR B 2 -27.46 -19.76 -39.31
N SER B 3 -26.14 -19.70 -39.47
CA SER B 3 -25.22 -19.62 -38.33
C SER B 3 -24.65 -18.24 -38.04
N LEU B 4 -24.71 -17.83 -36.77
CA LEU B 4 -24.08 -16.60 -36.29
C LEU B 4 -22.54 -16.64 -36.38
N PHE B 5 -21.96 -17.84 -36.47
CA PHE B 5 -20.52 -17.99 -36.59
C PHE B 5 -19.96 -17.47 -37.91
N THR B 6 -20.73 -17.64 -38.99
CA THR B 6 -20.24 -17.38 -40.34
C THR B 6 -19.74 -15.95 -40.55
N THR B 7 -20.36 -14.99 -39.88
CA THR B 7 -19.89 -13.62 -39.96
C THR B 7 -19.43 -13.05 -38.61
N ALA B 8 -19.16 -13.94 -37.65
CA ALA B 8 -18.65 -13.52 -36.35
C ALA B 8 -17.37 -12.72 -36.50
N ASP B 9 -17.35 -11.54 -35.88
CA ASP B 9 -16.25 -10.61 -35.97
C ASP B 9 -16.21 -9.79 -34.69
N HIS B 10 -15.18 -10.00 -33.88
CA HIS B 10 -15.07 -9.35 -32.59
C HIS B 10 -14.90 -7.83 -32.69
N TYR B 11 -14.53 -7.33 -33.87
CA TYR B 11 -14.47 -5.88 -34.12
C TYR B 11 -15.77 -5.31 -34.67
N HIS B 12 -16.69 -6.19 -35.08
CA HIS B 12 -17.96 -5.76 -35.63
C HIS B 12 -19.12 -6.60 -35.09
N THR B 13 -19.39 -6.43 -33.80
CA THR B 13 -20.43 -7.16 -33.08
C THR B 13 -21.75 -6.38 -33.09
N PRO B 14 -22.84 -6.99 -33.58
CA PRO B 14 -24.16 -6.36 -33.56
C PRO B 14 -24.52 -5.83 -32.17
N LEU B 15 -24.89 -4.56 -32.07
CA LEU B 15 -25.24 -4.01 -30.76
C LEU B 15 -26.75 -4.01 -30.59
N GLY B 16 -27.22 -4.34 -29.39
CA GLY B 16 -28.63 -4.30 -29.08
C GLY B 16 -29.08 -2.92 -28.63
N PRO B 17 -30.38 -2.79 -28.28
CA PRO B 17 -30.93 -1.52 -27.82
C PRO B 17 -30.30 -0.98 -26.52
N ASP B 18 -29.72 -1.84 -25.69
CA ASP B 18 -29.03 -1.36 -24.49
C ASP B 18 -27.68 -0.73 -24.81
N GLY B 19 -27.18 -0.93 -26.03
CA GLY B 19 -25.91 -0.37 -26.43
C GLY B 19 -24.73 -1.32 -26.31
N THR B 20 -24.98 -2.58 -25.93
CA THR B 20 -23.90 -3.56 -25.78
C THR B 20 -24.11 -4.72 -26.77
N PRO B 21 -23.06 -5.51 -27.00
CA PRO B 21 -23.20 -6.72 -27.84
C PRO B 21 -23.77 -7.92 -27.08
N HIS B 22 -24.40 -7.69 -25.94
CA HIS B 22 -24.75 -8.80 -25.07
C HIS B 22 -25.92 -9.65 -25.57
N ALA B 23 -26.86 -8.99 -26.27
CA ALA B 23 -27.92 -9.74 -26.97
C ALA B 23 -27.28 -10.70 -27.95
N PHE B 24 -26.33 -10.18 -28.72
CA PHE B 24 -25.63 -10.98 -29.70
C PHE B 24 -24.80 -12.10 -29.05
N PHE B 25 -24.14 -11.78 -27.93
CA PHE B 25 -23.37 -12.79 -27.20
C PHE B 25 -24.30 -13.91 -26.69
N GLU B 26 -25.48 -13.53 -26.20
CA GLU B 26 -26.44 -14.52 -25.70
C GLU B 26 -26.95 -15.43 -26.82
N ALA B 27 -27.26 -14.87 -27.99
CA ALA B 27 -27.70 -15.69 -29.11
C ALA B 27 -26.59 -16.65 -29.55
N LEU B 28 -25.36 -16.15 -29.61
CA LEU B 28 -24.24 -16.98 -30.01
C LEU B 28 -24.01 -18.10 -29.01
N ARG B 29 -24.18 -17.78 -27.72
CA ARG B 29 -24.05 -18.77 -26.68
C ARG B 29 -25.07 -19.87 -26.90
N ASP B 30 -26.30 -19.46 -27.22
CA ASP B 30 -27.37 -20.43 -27.52
C ASP B 30 -26.98 -21.34 -28.67
N GLU B 31 -26.48 -20.75 -29.75
CA GLU B 31 -26.08 -21.57 -30.88
C GLU B 31 -24.89 -22.51 -30.54
N ALA B 32 -24.00 -22.06 -29.66
CA ALA B 32 -22.80 -22.82 -29.32
C ALA B 32 -23.12 -24.10 -28.55
N GLU B 33 -24.33 -24.19 -28.01
CA GLU B 33 -24.73 -25.42 -27.33
C GLU B 33 -24.89 -26.56 -28.35
N THR B 34 -25.09 -26.20 -29.61
CA THR B 34 -25.18 -27.15 -30.72
C THR B 34 -23.85 -27.21 -31.48
N THR B 35 -23.25 -26.05 -31.71
CA THR B 35 -21.96 -25.95 -32.42
C THR B 35 -21.00 -25.07 -31.63
N PRO B 36 -20.18 -25.67 -30.74
CA PRO B 36 -19.30 -24.89 -29.86
C PRO B 36 -18.10 -24.26 -30.58
N ILE B 37 -17.85 -24.68 -31.81
CA ILE B 37 -16.79 -24.11 -32.64
C ILE B 37 -17.32 -23.91 -34.06
N GLY B 38 -17.20 -22.68 -34.56
CA GLY B 38 -17.70 -22.40 -35.88
C GLY B 38 -16.66 -21.67 -36.71
N TRP B 39 -16.78 -21.78 -38.03
CA TRP B 39 -15.89 -21.06 -38.95
C TRP B 39 -16.49 -19.70 -39.29
N SER B 40 -15.71 -18.65 -39.06
CA SER B 40 -16.04 -17.31 -39.52
C SER B 40 -15.28 -16.98 -40.79
N GLU B 41 -15.95 -16.26 -41.67
CA GLU B 41 -15.33 -15.85 -42.93
C GLU B 41 -14.62 -14.52 -42.84
N ALA B 42 -14.67 -13.89 -41.67
CA ALA B 42 -14.02 -12.61 -41.45
C ALA B 42 -12.52 -12.85 -41.35
N TYR B 43 -11.73 -11.80 -41.61
CA TYR B 43 -10.26 -11.85 -41.58
C TYR B 43 -9.69 -12.95 -42.47
N GLY B 44 -10.41 -13.26 -43.55
CA GLY B 44 -9.97 -14.26 -44.51
C GLY B 44 -10.30 -15.68 -44.10
N GLY B 45 -10.96 -15.86 -42.96
CA GLY B 45 -11.33 -17.19 -42.52
C GLY B 45 -10.58 -17.66 -41.29
N HIS B 46 -11.30 -18.01 -40.24
CA HIS B 46 -10.67 -18.41 -38.97
C HIS B 46 -11.69 -19.10 -38.09
N TRP B 47 -11.23 -19.77 -37.03
CA TRP B 47 -12.16 -20.49 -36.17
C TRP B 47 -12.60 -19.64 -35.00
N VAL B 48 -13.90 -19.72 -34.68
CA VAL B 48 -14.46 -19.07 -33.50
C VAL B 48 -14.86 -20.12 -32.47
N VAL B 49 -14.18 -20.09 -31.33
CA VAL B 49 -14.35 -21.07 -30.27
C VAL B 49 -15.19 -20.45 -29.15
N ALA B 50 -16.40 -20.96 -28.96
CA ALA B 50 -17.38 -20.32 -28.07
C ALA B 50 -17.77 -21.16 -26.86
N GLY B 51 -17.61 -22.47 -26.96
CA GLY B 51 -17.95 -23.36 -25.88
C GLY B 51 -16.92 -23.30 -24.76
N TYR B 52 -17.39 -23.36 -23.53
CA TYR B 52 -16.48 -23.30 -22.40
C TYR B 52 -15.48 -24.46 -22.41
N LYS B 53 -15.96 -25.69 -22.54
CA LYS B 53 -15.04 -26.83 -22.45
C LYS B 53 -14.09 -26.86 -23.66
N GLU B 54 -14.55 -26.33 -24.78
CA GLU B 54 -13.72 -26.27 -25.97
C GLU B 54 -12.60 -25.25 -25.82
N ILE B 55 -12.92 -24.11 -25.21
CA ILE B 55 -11.88 -23.11 -24.97
C ILE B 55 -10.84 -23.67 -24.02
N GLN B 56 -11.28 -24.28 -22.93
CA GLN B 56 -10.35 -24.93 -22.01
C GLN B 56 -9.42 -25.89 -22.74
N ALA B 57 -9.98 -26.74 -23.61
CA ALA B 57 -9.18 -27.70 -24.35
C ALA B 57 -8.11 -27.03 -25.20
N VAL B 58 -8.47 -25.95 -25.89
CA VAL B 58 -7.52 -25.19 -26.71
C VAL B 58 -6.44 -24.52 -25.85
N ILE B 59 -6.87 -23.82 -24.80
CA ILE B 59 -5.97 -23.13 -23.87
C ILE B 59 -4.90 -24.04 -23.28
N GLN B 60 -5.28 -25.27 -22.96
CA GLN B 60 -4.39 -26.18 -22.26
C GLN B 60 -3.42 -26.86 -23.23
N ASN B 61 -3.80 -26.91 -24.50
CA ASN B 61 -2.98 -27.54 -25.52
C ASN B 61 -2.04 -26.53 -26.20
N THR B 62 -0.91 -26.28 -25.53
CA THR B 62 0.09 -25.34 -26.01
C THR B 62 0.92 -25.87 -27.18
N LYS B 63 0.94 -27.19 -27.36
CA LYS B 63 1.67 -27.80 -28.49
C LYS B 63 1.06 -27.44 -29.85
N ALA B 64 -0.26 -27.55 -29.95
CA ALA B 64 -0.98 -27.31 -31.20
C ALA B 64 -1.42 -25.85 -31.36
N PHE B 65 -1.53 -25.13 -30.24
CA PHE B 65 -2.05 -23.76 -30.27
C PHE B 65 -1.04 -22.76 -29.70
N SER B 66 -0.39 -22.01 -30.59
CA SER B 66 0.68 -21.11 -30.18
C SER B 66 0.22 -19.68 -29.90
N ASN B 67 0.85 -19.04 -28.93
CA ASN B 67 0.51 -17.66 -28.57
C ASN B 67 1.10 -16.62 -29.51
N LYS B 68 1.81 -17.07 -30.54
CA LYS B 68 2.23 -16.16 -31.59
C LYS B 68 1.02 -15.50 -32.28
N GLY B 69 -0.15 -16.11 -32.13
CA GLY B 69 -1.38 -15.60 -32.70
C GLY B 69 -2.26 -14.89 -31.68
N VAL B 70 -1.66 -14.50 -30.57
CA VAL B 70 -2.39 -13.91 -29.43
C VAL B 70 -3.26 -12.69 -29.81
N THR B 71 -2.75 -11.81 -30.68
CA THR B 71 -3.62 -10.78 -31.25
C THR B 71 -4.00 -11.13 -32.70
N PHE B 72 -5.29 -11.06 -33.00
CA PHE B 72 -5.76 -11.38 -34.35
C PHE B 72 -7.00 -10.52 -34.61
N PRO B 73 -6.94 -9.64 -35.63
CA PRO B 73 -5.76 -9.36 -36.47
C PRO B 73 -4.64 -8.74 -35.62
N ARG B 74 -3.39 -8.88 -36.06
CA ARG B 74 -2.25 -8.53 -35.23
C ARG B 74 -2.29 -7.06 -34.77
N TYR B 75 -2.07 -6.83 -33.48
CA TYR B 75 -1.89 -5.47 -32.95
C TYR B 75 -0.73 -4.76 -33.67
N GLU B 76 -0.86 -3.45 -33.85
CA GLU B 76 0.19 -2.68 -34.49
C GLU B 76 1.31 -2.37 -33.49
N THR B 77 2.35 -3.21 -33.49
CA THR B 77 3.51 -3.02 -32.63
C THR B 77 4.79 -3.08 -33.45
N GLY B 78 4.69 -2.69 -34.71
CA GLY B 78 5.84 -2.74 -35.61
C GLY B 78 6.49 -4.10 -35.58
N GLU B 79 7.82 -4.10 -35.45
CA GLU B 79 8.62 -5.31 -35.51
C GLU B 79 8.77 -5.94 -34.12
N PHE B 80 8.11 -5.34 -33.14
CA PHE B 80 8.15 -5.82 -31.77
C PHE B 80 7.04 -6.81 -31.46
N GLU B 81 7.28 -7.61 -30.42
CA GLU B 81 6.31 -8.59 -29.95
C GLU B 81 5.86 -8.20 -28.56
N LEU B 82 4.67 -8.65 -28.20
CA LEU B 82 4.20 -8.59 -26.82
C LEU B 82 4.93 -9.61 -25.97
N MET B 83 5.73 -9.14 -25.00
CA MET B 83 6.41 -10.03 -24.07
C MET B 83 5.44 -10.86 -23.23
N MET B 84 5.81 -12.13 -23.03
CA MET B 84 5.00 -13.12 -22.32
C MET B 84 3.78 -13.56 -23.13
N ALA B 85 2.86 -12.64 -23.37
CA ALA B 85 1.64 -12.92 -24.12
C ALA B 85 1.88 -13.40 -25.53
N GLY B 86 2.98 -12.96 -26.14
CA GLY B 86 3.26 -13.30 -27.53
C GLY B 86 4.20 -14.46 -27.72
N GLN B 87 4.52 -15.17 -26.64
CA GLN B 87 5.55 -16.22 -26.73
C GLN B 87 5.09 -17.57 -26.20
N ASP B 88 5.77 -18.63 -26.64
CA ASP B 88 5.51 -19.95 -26.11
C ASP B 88 6.60 -20.36 -25.12
N ASP B 89 6.38 -21.44 -24.38
CA ASP B 89 7.45 -22.00 -23.56
C ASP B 89 8.46 -22.70 -24.46
N PRO B 90 9.74 -22.76 -24.02
CA PRO B 90 10.25 -22.33 -22.71
C PRO B 90 10.60 -20.83 -22.60
N VAL B 91 10.70 -20.16 -23.74
CA VAL B 91 10.98 -18.74 -23.77
C VAL B 91 10.02 -17.95 -22.87
N HIS B 92 8.72 -18.25 -22.97
CA HIS B 92 7.69 -17.54 -22.21
C HIS B 92 7.89 -17.57 -20.69
N LYS B 93 8.18 -18.75 -20.16
CA LYS B 93 8.34 -18.92 -18.73
C LYS B 93 9.50 -18.10 -18.18
N LYS B 94 10.62 -18.11 -18.91
CA LYS B 94 11.79 -17.31 -18.53
C LYS B 94 11.47 -15.82 -18.38
N TYR B 95 10.75 -15.25 -19.35
CA TYR B 95 10.34 -13.84 -19.26
C TYR B 95 9.35 -13.57 -18.13
N ARG B 96 8.36 -14.43 -17.94
CA ARG B 96 7.38 -14.17 -16.90
C ARG B 96 8.03 -14.21 -15.53
N GLN B 97 9.01 -15.10 -15.37
CA GLN B 97 9.70 -15.21 -14.10
C GLN B 97 10.44 -13.93 -13.71
N LEU B 98 10.85 -13.11 -14.68
CA LEU B 98 11.47 -11.82 -14.35
C LEU B 98 10.52 -10.86 -13.62
N VAL B 99 9.23 -10.94 -13.92
CA VAL B 99 8.32 -9.97 -13.35
C VAL B 99 7.28 -10.59 -12.43
N ALA B 100 7.46 -11.87 -12.09
CA ALA B 100 6.51 -12.57 -11.23
C ALA B 100 6.38 -11.93 -9.84
N LYS B 101 7.52 -11.72 -9.19
CA LYS B 101 7.53 -11.16 -7.84
C LYS B 101 6.85 -9.80 -7.71
N PRO B 102 7.16 -8.85 -8.60
CA PRO B 102 6.48 -7.58 -8.35
C PRO B 102 5.01 -7.59 -8.73
N PHE B 103 4.53 -8.68 -9.32
CA PHE B 103 3.11 -8.77 -9.63
C PHE B 103 2.39 -9.75 -8.70
N SER B 104 3.12 -10.29 -7.74
CA SER B 104 2.51 -11.15 -6.72
C SER B 104 1.64 -10.28 -5.81
N PRO B 105 0.59 -10.86 -5.23
CA PRO B 105 -0.32 -10.11 -4.37
C PRO B 105 0.41 -9.41 -3.24
N GLU B 106 1.32 -10.09 -2.55
CA GLU B 106 2.15 -9.46 -1.53
C GLU B 106 2.76 -8.12 -1.99
N ALA B 107 3.34 -8.10 -3.18
CA ALA B 107 3.94 -6.86 -3.68
C ALA B 107 2.92 -5.82 -4.17
N THR B 108 1.87 -6.27 -4.87
CA THR B 108 0.94 -5.31 -5.45
C THR B 108 0.03 -4.66 -4.40
N ASP B 109 -0.19 -5.36 -3.29
CA ASP B 109 -0.98 -4.81 -2.19
C ASP B 109 -0.38 -3.52 -1.62
N LEU B 110 0.92 -3.32 -1.84
CA LEU B 110 1.56 -2.07 -1.45
C LEU B 110 0.93 -0.83 -2.13
N PHE B 111 0.14 -1.05 -3.18
CA PHE B 111 -0.46 0.07 -3.92
C PHE B 111 -1.86 0.45 -3.45
N THR B 112 -2.49 -0.42 -2.66
CA THR B 112 -3.92 -0.32 -2.37
C THR B 112 -4.36 1.03 -1.80
N GLU B 113 -3.70 1.50 -0.75
CA GLU B 113 -4.09 2.76 -0.12
C GLU B 113 -3.85 3.96 -1.03
N GLN B 114 -2.84 3.88 -1.89
CA GLN B 114 -2.61 4.95 -2.85
C GLN B 114 -3.62 4.94 -4.00
N LEU B 115 -4.06 3.75 -4.39
CA LEU B 115 -5.18 3.60 -5.32
C LEU B 115 -6.45 4.26 -4.77
N ARG B 116 -6.71 4.05 -3.48
CA ARG B 116 -7.87 4.68 -2.83
C ARG B 116 -7.75 6.21 -2.87
N GLN B 117 -6.57 6.71 -2.50
CA GLN B 117 -6.28 8.14 -2.56
C GLN B 117 -6.46 8.69 -3.98
N SER B 118 -5.89 8.01 -4.96
CA SER B 118 -5.97 8.45 -6.36
C SER B 118 -7.40 8.51 -6.85
N THR B 119 -8.17 7.49 -6.51
CA THR B 119 -9.56 7.43 -6.91
C THR B 119 -10.36 8.60 -6.34
N ASN B 120 -10.17 8.85 -5.05
CA ASN B 120 -10.81 9.98 -4.40
C ASN B 120 -10.36 11.34 -4.96
N ASP B 121 -9.08 11.48 -5.27
CA ASP B 121 -8.62 12.73 -5.88
C ASP B 121 -9.31 12.96 -7.23
N LEU B 122 -9.44 11.88 -8.00
CA LEU B 122 -10.11 11.94 -9.31
C LEU B 122 -11.59 12.31 -9.15
N ILE B 123 -12.26 11.71 -8.17
CA ILE B 123 -13.65 12.05 -7.94
C ILE B 123 -13.77 13.54 -7.55
N ASP B 124 -12.82 14.05 -6.77
CA ASP B 124 -12.84 15.47 -6.37
C ASP B 124 -12.93 16.39 -7.57
N ALA B 125 -12.41 15.95 -8.71
CA ALA B 125 -12.29 16.76 -9.90
C ALA B 125 -13.63 17.17 -10.53
N ARG B 126 -14.67 16.39 -10.30
CA ARG B 126 -15.95 16.70 -10.94
C ARG B 126 -17.14 16.58 -10.01
N ILE B 127 -16.92 16.15 -8.77
CA ILE B 127 -18.05 15.91 -7.89
C ILE B 127 -18.89 17.17 -7.70
N GLU B 128 -18.25 18.33 -7.75
CA GLU B 128 -18.97 19.60 -7.64
C GLU B 128 -19.77 19.99 -8.89
N LEU B 129 -19.52 19.31 -10.01
CA LEU B 129 -20.19 19.65 -11.27
C LEU B 129 -21.51 18.88 -11.50
N GLY B 130 -21.62 17.68 -10.95
CA GLY B 130 -22.83 16.91 -11.09
C GLY B 130 -23.02 16.25 -12.45
N GLU B 131 -21.95 16.22 -13.23
CA GLU B 131 -21.99 15.54 -14.51
C GLU B 131 -20.59 15.16 -14.90
N GLY B 132 -20.45 14.13 -15.72
CA GLY B 132 -19.14 13.74 -16.17
C GLY B 132 -19.20 12.41 -16.88
N ASP B 133 -18.15 12.10 -17.61
CA ASP B 133 -18.09 10.87 -18.35
C ASP B 133 -17.27 9.90 -17.50
N ALA B 134 -17.92 8.90 -16.93
CA ALA B 134 -17.25 8.00 -16.01
C ALA B 134 -16.08 7.25 -16.65
N ALA B 135 -16.13 7.08 -17.97
CA ALA B 135 -15.02 6.44 -18.68
C ALA B 135 -13.78 7.33 -18.72
N THR B 136 -13.92 8.51 -19.32
CA THR B 136 -12.78 9.39 -19.54
C THR B 136 -12.29 9.94 -18.20
N TRP B 137 -13.23 10.15 -17.29
CA TRP B 137 -12.93 10.85 -16.06
C TRP B 137 -12.37 9.90 -15.00
N LEU B 138 -12.91 8.69 -14.92
CA LEU B 138 -12.50 7.79 -13.85
C LEU B 138 -11.93 6.46 -14.33
N ALA B 139 -12.74 5.72 -15.08
CA ALA B 139 -12.37 4.40 -15.57
C ALA B 139 -11.03 4.40 -16.33
N ASN B 140 -10.81 5.40 -17.18
CA ASN B 140 -9.54 5.54 -17.91
C ASN B 140 -8.38 5.97 -17.02
N GLU B 141 -8.66 6.91 -16.11
CA GLU B 141 -7.63 7.59 -15.32
C GLU B 141 -7.02 6.73 -14.21
N ILE B 142 -7.83 5.88 -13.58
CA ILE B 142 -7.32 5.10 -12.45
C ILE B 142 -6.24 4.08 -12.85
N PRO B 143 -6.48 3.30 -13.92
CA PRO B 143 -5.39 2.42 -14.36
C PRO B 143 -4.25 3.16 -15.07
N ALA B 144 -4.54 4.26 -15.76
CA ALA B 144 -3.48 5.03 -16.39
C ALA B 144 -2.43 5.47 -15.38
N ARG B 145 -2.91 6.00 -14.25
CA ARG B 145 -2.03 6.49 -13.19
C ARG B 145 -1.30 5.36 -12.53
N LEU B 146 -1.99 4.26 -12.29
CA LEU B 146 -1.37 3.06 -11.74
C LEU B 146 -0.29 2.52 -12.68
N THR B 147 -0.60 2.45 -13.97
CA THR B 147 0.33 1.97 -14.97
C THR B 147 1.59 2.84 -15.04
N ALA B 148 1.41 4.15 -15.16
CA ALA B 148 2.52 5.09 -15.15
C ALA B 148 3.46 4.83 -13.97
N ILE B 149 2.89 4.64 -12.77
CA ILE B 149 3.70 4.26 -11.62
C ILE B 149 4.44 2.92 -11.81
N LEU B 150 3.72 1.90 -12.30
CA LEU B 150 4.36 0.62 -12.59
C LEU B 150 5.56 0.77 -13.56
N LEU B 151 5.39 1.60 -14.59
CA LEU B 151 6.40 1.70 -15.66
C LEU B 151 7.46 2.80 -15.45
N GLY B 152 7.31 3.59 -14.39
CA GLY B 152 8.24 4.68 -14.13
C GLY B 152 8.01 5.87 -15.06
N LEU B 153 6.74 6.09 -15.40
CA LEU B 153 6.35 7.16 -16.30
C LEU B 153 5.71 8.29 -15.52
N PRO B 154 5.74 9.52 -16.08
CA PRO B 154 4.99 10.66 -15.55
C PRO B 154 3.47 10.44 -15.57
N PRO B 155 2.80 10.47 -14.40
CA PRO B 155 1.39 10.08 -14.27
C PRO B 155 0.41 11.02 -14.99
N GLU B 156 0.81 12.26 -15.22
CA GLU B 156 -0.05 13.27 -15.83
C GLU B 156 -0.11 13.21 -17.36
N ASP B 157 0.58 12.22 -17.93
CA ASP B 157 0.66 12.14 -19.39
C ASP B 157 -0.25 11.08 -19.99
N GLY B 158 -1.38 10.84 -19.34
CA GLY B 158 -2.32 9.82 -19.74
C GLY B 158 -2.85 9.92 -21.16
N ASP B 159 -3.04 11.13 -21.67
CA ASP B 159 -3.50 11.33 -23.05
C ASP B 159 -2.45 10.90 -24.08
N THR B 160 -1.18 11.04 -23.74
CA THR B 160 -0.15 10.56 -24.64
C THR B 160 -0.16 9.02 -24.65
N TYR B 161 -0.24 8.41 -23.47
CA TYR B 161 -0.27 6.95 -23.41
C TYR B 161 -1.50 6.40 -24.14
N ARG B 162 -2.61 7.12 -24.02
CA ARG B 162 -3.88 6.73 -24.64
C ARG B 162 -3.81 6.78 -26.16
N ARG B 163 -3.17 7.81 -26.70
CA ARG B 163 -2.94 7.91 -28.15
C ARG B 163 -2.11 6.74 -28.67
N TRP B 164 -1.08 6.34 -27.93
CA TRP B 164 -0.24 5.20 -28.32
C TRP B 164 -1.06 3.91 -28.38
N VAL B 165 -1.84 3.68 -27.34
CA VAL B 165 -2.66 2.49 -27.22
C VAL B 165 -3.72 2.43 -28.32
N TRP B 166 -4.32 3.58 -28.62
CA TRP B 166 -5.33 3.67 -29.67
C TRP B 166 -4.73 3.27 -31.02
N ALA B 167 -3.51 3.71 -31.27
CA ALA B 167 -2.78 3.31 -32.46
C ALA B 167 -2.50 1.81 -32.50
N ILE B 168 -2.08 1.25 -31.37
CA ILE B 168 -1.76 -0.17 -31.31
C ILE B 168 -3.00 -1.00 -31.62
N THR B 169 -4.16 -0.52 -31.16
CA THR B 169 -5.37 -1.32 -31.17
C THR B 169 -6.50 -0.90 -32.13
N HIS B 170 -6.55 0.36 -32.56
CA HIS B 170 -7.76 0.82 -33.25
C HIS B 170 -7.62 1.68 -34.50
N VAL B 171 -6.56 2.47 -34.59
CA VAL B 171 -6.34 3.33 -35.75
C VAL B 171 -6.40 2.47 -37.00
N GLU B 172 -7.13 2.93 -38.01
CA GLU B 172 -7.39 2.16 -39.22
C GLU B 172 -6.33 2.34 -40.29
N ASN B 173 -5.86 3.57 -40.46
CA ASN B 173 -4.75 3.84 -41.37
C ASN B 173 -3.44 3.29 -40.80
N PRO B 174 -2.81 2.35 -41.51
CA PRO B 174 -1.60 1.63 -41.07
C PRO B 174 -0.37 2.52 -40.97
N GLU B 175 -0.20 3.48 -41.88
CA GLU B 175 0.92 4.43 -41.83
C GLU B 175 0.89 5.25 -40.54
N GLU B 176 -0.26 5.87 -40.32
CA GLU B 176 -0.61 6.60 -39.12
C GLU B 176 -0.37 5.74 -37.87
N GLY B 177 -0.99 4.56 -37.84
CA GLY B 177 -0.84 3.63 -36.74
C GLY B 177 0.60 3.27 -36.44
N ALA B 178 1.35 2.86 -37.48
CA ALA B 178 2.74 2.48 -37.33
C ALA B 178 3.56 3.66 -36.85
N GLU B 179 3.23 4.84 -37.36
CA GLU B 179 3.93 6.06 -36.99
C GLU B 179 3.74 6.34 -35.52
N ILE B 180 2.48 6.27 -35.07
CA ILE B 180 2.19 6.59 -33.67
C ILE B 180 2.82 5.55 -32.74
N PHE B 181 2.78 4.28 -33.12
CA PHE B 181 3.51 3.28 -32.34
C PHE B 181 5.03 3.56 -32.30
N ALA B 182 5.59 4.05 -33.42
CA ALA B 182 7.00 4.42 -33.45
C ALA B 182 7.34 5.55 -32.45
N GLU B 183 6.35 6.38 -32.13
CA GLU B 183 6.57 7.42 -31.12
C GLU B 183 6.71 6.80 -29.74
N LEU B 184 5.85 5.82 -29.45
CA LEU B 184 5.96 5.06 -28.22
C LEU B 184 7.38 4.51 -28.10
N VAL B 185 7.83 3.83 -29.14
CA VAL B 185 9.17 3.25 -29.22
C VAL B 185 10.26 4.29 -28.93
N ALA B 186 10.12 5.50 -29.46
CA ALA B 186 11.10 6.55 -29.21
C ALA B 186 11.11 6.93 -27.72
N HIS B 187 9.93 7.18 -27.16
CA HIS B 187 9.80 7.40 -25.72
C HIS B 187 10.31 6.23 -24.87
N ALA B 188 9.99 5.00 -25.25
CA ALA B 188 10.49 3.86 -24.50
C ALA B 188 12.03 3.83 -24.43
N ARG B 189 12.67 4.04 -25.58
CA ARG B 189 14.13 4.04 -25.66
C ARG B 189 14.75 5.04 -24.69
N THR B 190 14.23 6.27 -24.70
CA THR B 190 14.70 7.33 -23.84
C THR B 190 14.62 6.92 -22.37
N LEU B 191 13.49 6.35 -21.99
CA LEU B 191 13.27 5.96 -20.61
C LEU B 191 14.21 4.83 -20.18
N ILE B 192 14.33 3.83 -21.04
CA ILE B 192 15.23 2.71 -20.79
C ILE B 192 16.66 3.19 -20.53
N ALA B 193 17.12 4.10 -21.37
CA ALA B 193 18.45 4.70 -21.21
C ALA B 193 18.56 5.47 -19.90
N GLU B 194 17.50 6.18 -19.52
CA GLU B 194 17.47 6.86 -18.22
C GLU B 194 17.60 5.88 -17.06
N ARG B 195 16.81 4.81 -17.10
CA ARG B 195 16.79 3.87 -15.98
C ARG B 195 18.11 3.12 -15.88
N ARG B 196 18.78 2.97 -17.02
CA ARG B 196 20.04 2.25 -17.04
C ARG B 196 21.10 2.92 -16.15
N THR B 197 21.05 4.24 -16.05
CA THR B 197 22.03 4.99 -15.27
C THR B 197 21.45 5.36 -13.90
N ASN B 198 20.14 5.52 -13.84
CA ASN B 198 19.45 5.94 -12.63
C ASN B 198 18.20 5.09 -12.41
N PRO B 199 18.39 3.80 -12.07
CA PRO B 199 17.26 2.87 -11.92
C PRO B 199 16.49 3.08 -10.63
N GLY B 200 15.17 2.96 -10.70
CA GLY B 200 14.32 3.05 -9.52
C GLY B 200 13.69 1.72 -9.15
N ASN B 201 12.51 1.77 -8.56
CA ASN B 201 11.84 0.57 -8.04
C ASN B 201 10.84 -0.04 -9.02
N ASP B 202 10.56 0.68 -10.09
CA ASP B 202 9.52 0.34 -11.03
C ASP B 202 9.87 -0.92 -11.82
N ILE B 203 8.86 -1.48 -12.49
CA ILE B 203 9.02 -2.69 -13.30
C ILE B 203 10.04 -2.51 -14.41
N MET B 204 10.10 -1.33 -15.02
CA MET B 204 11.01 -1.18 -16.17
C MET B 204 12.45 -1.24 -15.70
N SER B 205 12.76 -0.47 -14.67
CA SER B 205 14.07 -0.51 -14.01
C SER B 205 14.45 -1.96 -13.74
N ARG B 206 13.53 -2.68 -13.10
CA ARG B 206 13.75 -4.07 -12.74
C ARG B 206 14.15 -4.95 -13.93
N VAL B 207 13.38 -4.85 -15.00
CA VAL B 207 13.58 -5.72 -16.15
C VAL B 207 14.84 -5.30 -16.92
N ILE B 208 15.14 -4.01 -16.89
CA ILE B 208 16.34 -3.48 -17.53
C ILE B 208 17.59 -4.04 -16.84
N MET B 209 17.50 -4.23 -15.52
CA MET B 209 18.61 -4.75 -14.73
C MET B 209 18.62 -6.28 -14.69
N SER B 210 17.65 -6.89 -15.34
CA SER B 210 17.50 -8.34 -15.26
C SER B 210 18.45 -9.09 -16.17
N LYS B 211 18.56 -10.40 -15.96
CA LYS B 211 19.38 -11.22 -16.83
C LYS B 211 18.72 -12.55 -17.13
N ILE B 212 18.83 -13.00 -18.36
CA ILE B 212 18.36 -14.32 -18.76
C ILE B 212 19.55 -15.15 -19.25
N ASP B 213 19.85 -16.21 -18.52
CA ASP B 213 20.95 -17.08 -18.89
C ASP B 213 22.25 -16.32 -19.11
N GLY B 214 22.56 -15.45 -18.17
CA GLY B 214 23.81 -14.71 -18.16
C GLY B 214 23.75 -13.34 -18.83
N GLU B 215 22.77 -13.14 -19.70
CA GLU B 215 22.76 -11.94 -20.53
C GLU B 215 21.58 -11.00 -20.29
N SER B 216 21.84 -9.70 -20.46
CA SER B 216 20.80 -8.70 -20.32
C SER B 216 19.80 -8.82 -21.46
N LEU B 217 18.63 -8.23 -21.28
CA LEU B 217 17.61 -8.27 -22.31
C LEU B 217 17.95 -7.34 -23.46
N SER B 218 17.56 -7.72 -24.68
CA SER B 218 17.66 -6.80 -25.80
C SER B 218 16.69 -5.65 -25.58
N GLU B 219 16.95 -4.53 -26.25
CA GLU B 219 16.10 -3.36 -26.10
C GLU B 219 14.72 -3.70 -26.62
N ASP B 220 14.68 -4.49 -27.69
CA ASP B 220 13.43 -4.99 -28.23
C ASP B 220 12.60 -5.79 -27.22
N ASP B 221 13.25 -6.60 -26.39
CA ASP B 221 12.54 -7.29 -25.32
C ASP B 221 11.94 -6.29 -24.33
N LEU B 222 12.77 -5.34 -23.87
CA LEU B 222 12.36 -4.33 -22.91
C LEU B 222 11.17 -3.51 -23.41
N ILE B 223 11.23 -3.13 -24.68
CA ILE B 223 10.12 -2.45 -25.32
C ILE B 223 8.86 -3.35 -25.38
N GLY B 224 9.07 -4.64 -25.55
CA GLY B 224 7.98 -5.59 -25.48
C GLY B 224 7.33 -5.61 -24.11
N PHE B 225 8.15 -5.52 -23.06
CA PHE B 225 7.65 -5.47 -21.68
C PHE B 225 6.82 -4.21 -21.47
N PHE B 226 7.43 -3.07 -21.78
CA PHE B 226 6.79 -1.77 -21.71
C PHE B 226 5.42 -1.78 -22.40
N THR B 227 5.40 -2.32 -23.61
CA THR B 227 4.22 -2.29 -24.44
C THR B 227 3.08 -3.10 -23.85
N ILE B 228 3.33 -4.36 -23.50
CA ILE B 228 2.22 -5.18 -23.01
C ILE B 228 1.65 -4.69 -21.67
N LEU B 229 2.54 -4.28 -20.78
CA LEU B 229 2.10 -3.76 -19.48
C LEU B 229 1.27 -2.50 -19.66
N LEU B 230 1.68 -1.64 -20.59
CA LEU B 230 0.93 -0.42 -20.88
C LEU B 230 -0.47 -0.76 -21.40
N LEU B 231 -0.55 -1.76 -22.27
CA LEU B 231 -1.83 -2.22 -22.81
C LEU B 231 -2.76 -2.76 -21.72
N GLY B 232 -2.23 -3.63 -20.87
CA GLY B 232 -3.00 -4.16 -19.75
C GLY B 232 -3.75 -3.07 -18.97
N GLY B 233 -3.11 -1.92 -18.81
CA GLY B 233 -3.67 -0.83 -18.02
C GLY B 233 -4.62 0.09 -18.79
N ILE B 234 -4.08 0.77 -19.80
CA ILE B 234 -4.84 1.73 -20.60
C ILE B 234 -5.99 1.10 -21.40
N ASP B 235 -5.86 -0.16 -21.82
CA ASP B 235 -6.89 -0.74 -22.67
C ASP B 235 -7.78 -1.65 -21.82
N ASN B 236 -7.29 -2.84 -21.50
CA ASN B 236 -8.10 -3.85 -20.81
C ASN B 236 -8.82 -3.35 -19.54
N THR B 237 -8.07 -2.78 -18.59
CA THR B 237 -8.62 -2.36 -17.31
C THR B 237 -9.55 -1.18 -17.47
N ALA B 238 -9.14 -0.21 -18.28
CA ALA B 238 -9.98 0.96 -18.56
C ALA B 238 -11.32 0.59 -19.21
N ARG B 239 -11.31 -0.37 -20.13
CA ARG B 239 -12.58 -0.80 -20.76
C ARG B 239 -13.47 -1.60 -19.79
N PHE B 240 -12.86 -2.50 -19.02
CA PHE B 240 -13.60 -3.26 -18.01
C PHE B 240 -14.30 -2.35 -17.02
N LEU B 241 -13.53 -1.41 -16.43
CA LEU B 241 -14.06 -0.49 -15.44
C LEU B 241 -15.16 0.41 -16.00
N SER B 242 -15.02 0.86 -17.24
CA SER B 242 -16.06 1.70 -17.83
C SER B 242 -17.37 0.94 -17.97
N SER B 243 -17.30 -0.30 -18.45
CA SER B 243 -18.47 -1.18 -18.54
C SER B 243 -19.08 -1.36 -17.16
N VAL B 244 -18.25 -1.46 -16.13
CA VAL B 244 -18.76 -1.59 -14.77
C VAL B 244 -19.49 -0.33 -14.34
N PHE B 245 -18.88 0.83 -14.55
CA PHE B 245 -19.53 2.08 -14.19
C PHE B 245 -20.85 2.24 -14.94
N TRP B 246 -20.87 1.85 -16.20
CA TRP B 246 -22.09 1.91 -16.98
C TRP B 246 -23.20 1.06 -16.36
N ARG B 247 -22.86 -0.15 -15.93
CA ARG B 247 -23.82 -1.06 -15.32
C ARG B 247 -24.38 -0.51 -14.00
N LEU B 248 -23.51 0.03 -13.15
CA LEU B 248 -23.93 0.61 -11.88
C LEU B 248 -24.76 1.88 -12.07
N ALA B 249 -24.58 2.54 -13.21
CA ALA B 249 -25.34 3.75 -13.47
C ALA B 249 -26.84 3.49 -13.59
N TRP B 250 -27.21 2.40 -14.29
CA TRP B 250 -28.62 2.11 -14.53
C TRP B 250 -29.21 0.98 -13.70
N ASP B 251 -28.36 0.06 -13.23
CA ASP B 251 -28.83 -1.09 -12.45
C ASP B 251 -28.91 -0.75 -10.97
N ILE B 252 -30.02 -0.16 -10.55
CA ILE B 252 -30.16 0.36 -9.20
C ILE B 252 -30.27 -0.77 -8.17
N GLU B 253 -30.61 -1.97 -8.65
CA GLU B 253 -30.74 -3.10 -7.76
C GLU B 253 -29.34 -3.59 -7.34
N LEU B 254 -28.49 -3.81 -8.32
CA LEU B 254 -27.11 -4.19 -8.09
C LEU B 254 -26.43 -3.14 -7.22
N ARG B 255 -26.66 -1.88 -7.56
CA ARG B 255 -26.00 -0.79 -6.87
C ARG B 255 -26.30 -0.77 -5.37
N ARG B 256 -27.58 -0.78 -4.99
CA ARG B 256 -27.94 -0.71 -3.58
C ARG B 256 -27.39 -1.89 -2.81
N ARG B 257 -27.35 -3.06 -3.46
CA ARG B 257 -26.81 -4.24 -2.81
C ARG B 257 -25.32 -4.11 -2.50
N LEU B 258 -24.56 -3.54 -3.43
CA LEU B 258 -23.13 -3.39 -3.18
C LEU B 258 -22.90 -2.36 -2.07
N ILE B 259 -23.75 -1.35 -2.00
CA ILE B 259 -23.65 -0.36 -0.93
C ILE B 259 -24.05 -0.98 0.41
N ALA B 260 -25.06 -1.84 0.40
CA ALA B 260 -25.53 -2.49 1.61
C ALA B 260 -24.67 -3.69 2.02
N HIS B 261 -23.96 -4.30 1.07
CA HIS B 261 -23.10 -5.44 1.40
C HIS B 261 -21.64 -5.28 0.92
N PRO B 262 -20.89 -4.38 1.57
CA PRO B 262 -19.50 -4.14 1.15
C PRO B 262 -18.66 -5.41 1.29
N GLU B 263 -19.06 -6.32 2.16
CA GLU B 263 -18.34 -7.60 2.27
C GLU B 263 -18.47 -8.45 1.01
N LEU B 264 -19.45 -8.10 0.16
CA LEU B 264 -19.70 -8.82 -1.08
C LEU B 264 -18.98 -8.24 -2.31
N ILE B 265 -18.43 -7.05 -2.19
CA ILE B 265 -17.77 -6.40 -3.35
C ILE B 265 -16.68 -7.22 -4.08
N PRO B 266 -15.77 -7.90 -3.34
CA PRO B 266 -14.75 -8.71 -4.05
C PRO B 266 -15.37 -9.82 -4.91
N ASN B 267 -16.32 -10.53 -4.34
CA ASN B 267 -17.03 -11.58 -5.07
C ASN B 267 -17.85 -10.98 -6.20
N ALA B 268 -18.39 -9.79 -5.96
CA ALA B 268 -19.14 -9.08 -6.98
C ALA B 268 -18.18 -8.70 -8.11
N VAL B 269 -16.98 -8.31 -7.74
CA VAL B 269 -15.97 -7.97 -8.75
C VAL B 269 -15.66 -9.16 -9.66
N ASP B 270 -15.54 -10.34 -9.07
CA ASP B 270 -15.26 -11.54 -9.85
C ASP B 270 -16.45 -11.83 -10.77
N GLU B 271 -17.65 -11.56 -10.30
CA GLU B 271 -18.84 -11.80 -11.11
C GLU B 271 -18.94 -10.76 -12.21
N LEU B 272 -18.56 -9.52 -11.89
CA LEU B 272 -18.50 -8.50 -12.92
C LEU B 272 -17.42 -8.82 -13.97
N LEU B 273 -16.31 -9.40 -13.53
CA LEU B 273 -15.26 -9.86 -14.45
C LEU B 273 -15.82 -10.91 -15.41
N ARG B 274 -16.53 -11.89 -14.87
CA ARG B 274 -17.20 -12.88 -15.71
C ARG B 274 -18.11 -12.20 -16.76
N PHE B 275 -18.91 -11.24 -16.31
CA PHE B 275 -19.95 -10.66 -17.15
C PHE B 275 -19.48 -9.57 -18.12
N TYR B 276 -18.49 -8.79 -17.70
CA TYR B 276 -18.02 -7.67 -18.54
C TYR B 276 -16.53 -7.75 -18.94
N GLY B 277 -15.92 -8.91 -18.70
CA GLY B 277 -14.56 -9.18 -19.14
C GLY B 277 -14.37 -8.79 -20.59
N PRO B 278 -13.52 -7.79 -20.85
CA PRO B 278 -13.41 -7.16 -22.17
C PRO B 278 -12.72 -7.97 -23.26
N ALA B 279 -11.95 -8.98 -22.86
CA ALA B 279 -10.93 -9.56 -23.74
C ALA B 279 -11.32 -10.88 -24.42
N MET B 280 -10.77 -11.07 -25.61
CA MET B 280 -10.70 -12.37 -26.26
C MET B 280 -9.23 -12.49 -26.68
N VAL B 281 -8.78 -13.72 -26.97
CA VAL B 281 -7.40 -13.89 -27.41
C VAL B 281 -7.38 -14.86 -28.58
N GLY B 282 -6.32 -14.80 -29.38
CA GLY B 282 -6.14 -15.71 -30.49
C GLY B 282 -5.10 -16.77 -30.18
N ARG B 283 -5.07 -17.82 -31.00
CA ARG B 283 -4.06 -18.86 -30.96
C ARG B 283 -3.75 -19.26 -32.40
N LEU B 284 -2.47 -19.37 -32.72
CA LEU B 284 -2.07 -19.82 -34.05
C LEU B 284 -1.95 -21.34 -34.02
N VAL B 285 -2.63 -22.02 -34.95
CA VAL B 285 -2.56 -23.47 -35.03
C VAL B 285 -1.21 -23.89 -35.65
N THR B 286 -0.43 -24.68 -34.91
CA THR B 286 0.92 -25.07 -35.36
C THR B 286 0.97 -26.49 -35.92
N GLN B 287 -0.05 -27.29 -35.64
CA GLN B 287 -0.16 -28.63 -36.23
C GLN B 287 -1.61 -29.08 -36.26
N GLU B 288 -1.91 -30.01 -37.17
CA GLU B 288 -3.26 -30.53 -37.30
C GLU B 288 -3.74 -31.00 -35.94
N VAL B 289 -4.96 -30.61 -35.57
CA VAL B 289 -5.50 -30.92 -34.25
C VAL B 289 -7.02 -30.99 -34.31
N THR B 290 -7.60 -31.95 -33.60
CA THR B 290 -9.05 -32.04 -33.56
C THR B 290 -9.59 -31.69 -32.18
N VAL B 291 -10.53 -30.75 -32.16
CA VAL B 291 -11.23 -30.35 -30.94
C VAL B 291 -12.71 -30.60 -31.16
N GLY B 292 -13.26 -31.59 -30.46
CA GLY B 292 -14.62 -32.03 -30.69
C GLY B 292 -14.81 -32.52 -32.11
N ASP B 293 -15.65 -31.80 -32.86
CA ASP B 293 -16.02 -32.17 -34.23
C ASP B 293 -15.16 -31.48 -35.28
N ILE B 294 -14.31 -30.56 -34.84
CA ILE B 294 -13.60 -29.70 -35.78
C ILE B 294 -12.12 -30.08 -35.88
N THR B 295 -11.61 -30.10 -37.11
CA THR B 295 -10.20 -30.36 -37.35
C THR B 295 -9.55 -29.09 -37.89
N MET B 296 -8.56 -28.60 -37.15
CA MET B 296 -7.89 -27.36 -37.50
C MET B 296 -6.53 -27.65 -38.18
N LYS B 297 -6.11 -26.76 -39.06
CA LYS B 297 -4.89 -26.97 -39.81
C LYS B 297 -3.85 -25.90 -39.50
N PRO B 298 -2.56 -26.27 -39.58
CA PRO B 298 -1.48 -25.33 -39.29
C PRO B 298 -1.60 -24.08 -40.14
N GLY B 299 -1.23 -22.93 -39.58
CA GLY B 299 -1.42 -21.65 -40.25
C GLY B 299 -2.79 -21.03 -39.99
N GLN B 300 -3.74 -21.83 -39.54
CA GLN B 300 -5.06 -21.28 -39.22
C GLN B 300 -5.03 -20.60 -37.85
N THR B 301 -6.00 -19.75 -37.59
CA THR B 301 -6.08 -19.06 -36.31
C THR B 301 -7.40 -19.41 -35.62
N ALA B 302 -7.33 -19.59 -34.30
CA ALA B 302 -8.51 -19.84 -33.50
C ALA B 302 -8.71 -18.68 -32.52
N MET B 303 -9.90 -18.09 -32.59
CA MET B 303 -10.20 -16.97 -31.74
C MET B 303 -11.02 -17.49 -30.57
N LEU B 304 -10.52 -17.29 -29.36
CA LEU B 304 -11.20 -17.77 -28.15
C LEU B 304 -12.14 -16.70 -27.63
N TRP B 305 -13.44 -16.86 -27.92
CA TRP B 305 -14.46 -15.89 -27.50
C TRP B 305 -14.84 -16.07 -26.02
N PHE B 306 -13.90 -15.72 -25.14
CA PHE B 306 -14.13 -15.80 -23.69
C PHE B 306 -15.55 -15.35 -23.23
N PRO B 307 -16.06 -14.21 -23.73
CA PRO B 307 -17.35 -13.78 -23.21
C PRO B 307 -18.50 -14.76 -23.47
N ILE B 308 -18.38 -15.61 -24.48
CA ILE B 308 -19.45 -16.55 -24.76
C ILE B 308 -19.30 -17.76 -23.85
N ALA B 309 -18.06 -18.15 -23.60
CA ALA B 309 -17.78 -19.28 -22.72
C ALA B 309 -18.15 -18.96 -21.28
N SER B 310 -18.07 -17.68 -20.94
CA SER B 310 -18.40 -17.20 -19.60
C SER B 310 -19.92 -17.19 -19.40
N ARG B 311 -20.66 -17.55 -20.45
CA ARG B 311 -22.12 -17.60 -20.39
C ARG B 311 -22.64 -18.99 -20.70
N ASP B 312 -21.73 -19.95 -20.72
CA ASP B 312 -22.07 -21.35 -20.95
C ASP B 312 -22.94 -21.89 -19.81
N ARG B 313 -24.14 -22.37 -20.14
CA ARG B 313 -25.08 -22.90 -19.14
C ARG B 313 -24.59 -24.18 -18.46
N SER B 314 -23.67 -24.89 -19.10
CA SER B 314 -23.12 -26.12 -18.52
C SER B 314 -21.93 -25.81 -17.62
N ALA B 315 -21.53 -24.54 -17.60
CA ALA B 315 -20.46 -24.12 -16.69
C ALA B 315 -20.96 -23.15 -15.63
N PHE B 316 -22.06 -22.45 -15.90
CA PHE B 316 -22.60 -21.44 -14.97
C PHE B 316 -24.12 -21.50 -14.81
N ASP B 317 -24.59 -21.62 -13.57
CA ASP B 317 -26.02 -21.57 -13.32
C ASP B 317 -26.48 -20.14 -13.54
N SER B 318 -27.56 -19.97 -14.28
CA SER B 318 -28.10 -18.65 -14.59
C SER B 318 -27.03 -17.67 -15.08
N PRO B 319 -26.36 -18.01 -16.21
CA PRO B 319 -25.21 -17.26 -16.74
C PRO B 319 -25.54 -15.83 -17.21
N ASP B 320 -26.80 -15.55 -17.50
CA ASP B 320 -27.22 -14.24 -17.98
C ASP B 320 -27.58 -13.28 -16.87
N ASN B 321 -27.51 -13.77 -15.63
CA ASN B 321 -27.73 -12.92 -14.46
C ASN B 321 -26.44 -12.65 -13.71
N ILE B 322 -26.31 -11.42 -13.22
CA ILE B 322 -25.19 -11.05 -12.36
C ILE B 322 -25.53 -11.47 -10.94
N VAL B 323 -24.96 -12.59 -10.52
CA VAL B 323 -25.19 -13.14 -9.20
C VAL B 323 -23.97 -12.82 -8.33
N ILE B 324 -24.07 -11.77 -7.54
CA ILE B 324 -22.93 -11.25 -6.82
C ILE B 324 -22.36 -12.24 -5.81
N GLU B 325 -23.21 -13.16 -5.35
CA GLU B 325 -22.79 -14.14 -4.38
C GLU B 325 -22.32 -15.45 -5.03
N ARG B 326 -22.17 -15.44 -6.37
CA ARG B 326 -21.68 -16.62 -7.10
C ARG B 326 -20.29 -17.07 -6.64
N THR B 327 -20.19 -18.32 -6.19
CA THR B 327 -18.91 -18.89 -5.77
C THR B 327 -18.97 -20.41 -5.72
N PRO B 328 -18.02 -21.09 -6.41
CA PRO B 328 -16.90 -20.49 -7.12
C PRO B 328 -17.29 -19.90 -8.48
N ASN B 329 -16.34 -19.22 -9.11
CA ASN B 329 -16.61 -18.54 -10.36
C ASN B 329 -15.44 -18.73 -11.29
N ARG B 330 -15.44 -19.84 -12.02
CA ARG B 330 -14.31 -20.19 -12.87
C ARG B 330 -14.44 -19.56 -14.24
N HIS B 331 -14.68 -18.25 -14.28
CA HIS B 331 -14.77 -17.56 -15.55
C HIS B 331 -13.41 -17.54 -16.24
N LEU B 332 -13.39 -17.17 -17.51
CA LEU B 332 -12.15 -17.17 -18.28
C LEU B 332 -11.72 -15.76 -18.64
N SER B 333 -12.36 -14.77 -18.03
CA SER B 333 -12.07 -13.36 -18.36
C SER B 333 -10.61 -12.93 -18.12
N LEU B 334 -9.90 -13.63 -17.24
CA LEU B 334 -8.47 -13.34 -17.02
C LEU B 334 -7.55 -14.45 -17.54
N GLY B 335 -8.07 -15.28 -18.42
CA GLY B 335 -7.30 -16.36 -19.00
C GLY B 335 -7.21 -17.60 -18.12
N HIS B 336 -6.42 -18.58 -18.57
CA HIS B 336 -6.24 -19.80 -17.80
C HIS B 336 -4.98 -20.52 -18.23
N GLY B 337 -4.30 -21.16 -17.28
CA GLY B 337 -3.08 -21.89 -17.59
C GLY B 337 -1.89 -20.97 -17.64
N ILE B 338 -0.94 -21.28 -18.51
CA ILE B 338 0.35 -20.60 -18.47
C ILE B 338 0.28 -19.10 -18.79
N HIS B 339 -0.70 -18.66 -19.56
CA HIS B 339 -0.77 -17.25 -19.93
C HIS B 339 -1.71 -16.42 -19.05
N ARG B 340 -2.20 -17.05 -17.97
CA ARG B 340 -3.14 -16.43 -17.05
C ARG B 340 -2.67 -15.05 -16.65
N CYS B 341 -3.59 -14.09 -16.61
CA CYS B 341 -3.26 -12.67 -16.43
C CYS B 341 -2.27 -12.35 -15.31
N LEU B 342 -1.14 -11.77 -15.69
CA LEU B 342 -0.17 -11.28 -14.73
C LEU B 342 -0.85 -10.25 -13.83
N GLY B 343 -0.64 -10.37 -12.53
CA GLY B 343 -1.23 -9.43 -11.58
C GLY B 343 -2.76 -9.39 -11.59
N ALA B 344 -3.38 -10.55 -11.81
CA ALA B 344 -4.82 -10.71 -11.70
C ALA B 344 -5.33 -10.17 -10.35
N HIS B 345 -4.56 -10.43 -9.28
CA HIS B 345 -4.89 -9.93 -7.97
C HIS B 345 -4.94 -8.40 -7.95
N LEU B 346 -3.94 -7.77 -8.56
CA LEU B 346 -3.89 -6.31 -8.63
C LEU B 346 -5.13 -5.74 -9.32
N ILE B 347 -5.58 -6.41 -10.39
CA ILE B 347 -6.78 -5.94 -11.07
C ILE B 347 -8.02 -6.11 -10.18
N ARG B 348 -8.09 -7.20 -9.42
CA ARG B 348 -9.17 -7.38 -8.46
C ARG B 348 -9.18 -6.26 -7.41
N VAL B 349 -8.02 -5.97 -6.83
CA VAL B 349 -7.92 -4.94 -5.81
C VAL B 349 -8.29 -3.56 -6.37
N GLU B 350 -7.85 -3.30 -7.59
CA GLU B 350 -8.10 -2.02 -8.26
C GLU B 350 -9.58 -1.83 -8.60
N ALA B 351 -10.26 -2.88 -9.05
CA ALA B 351 -11.71 -2.83 -9.30
C ALA B 351 -12.48 -2.65 -7.99
N ARG B 352 -12.11 -3.42 -6.97
CA ARG B 352 -12.71 -3.31 -5.65
C ARG B 352 -12.63 -1.88 -5.11
N VAL B 353 -11.44 -1.29 -5.20
CA VAL B 353 -11.22 0.06 -4.72
C VAL B 353 -12.03 1.09 -5.51
N ALA B 354 -11.99 1.00 -6.84
CA ALA B 354 -12.73 1.91 -7.72
C ALA B 354 -14.21 1.93 -7.37
N ILE B 355 -14.78 0.75 -7.29
CA ILE B 355 -16.21 0.60 -6.98
C ILE B 355 -16.55 1.07 -5.57
N THR B 356 -15.75 0.68 -4.58
CA THR B 356 -16.01 1.05 -3.19
C THR B 356 -16.01 2.57 -2.99
N GLU B 357 -14.98 3.24 -3.46
CA GLU B 357 -14.87 4.68 -3.25
C GLU B 357 -15.92 5.47 -4.04
N PHE B 358 -16.17 5.05 -5.28
CA PHE B 358 -17.09 5.77 -6.12
C PHE B 358 -18.52 5.75 -5.58
N LEU B 359 -18.97 4.58 -5.11
CA LEU B 359 -20.31 4.43 -4.54
C LEU B 359 -20.42 5.12 -3.18
N LYS B 360 -19.30 5.20 -2.47
CA LYS B 360 -19.20 5.87 -1.19
C LYS B 360 -19.37 7.39 -1.37
N ARG B 361 -18.76 7.93 -2.42
CA ARG B 361 -18.79 9.36 -2.70
C ARG B 361 -20.05 9.74 -3.47
N ILE B 362 -20.47 8.86 -4.38
CA ILE B 362 -21.59 9.17 -5.26
C ILE B 362 -22.56 8.00 -5.32
N PRO B 363 -23.33 7.81 -4.24
CA PRO B 363 -24.25 6.67 -4.16
C PRO B 363 -25.44 6.86 -5.09
N GLU B 364 -25.67 8.08 -5.55
CA GLU B 364 -26.82 8.32 -6.44
C GLU B 364 -26.39 9.00 -7.73
N PHE B 365 -26.63 8.31 -8.83
CA PHE B 365 -26.24 8.82 -10.14
C PHE B 365 -27.00 8.05 -11.20
N SER B 366 -26.98 8.56 -12.43
CA SER B 366 -27.63 7.87 -13.55
C SER B 366 -26.98 8.27 -14.87
N LEU B 367 -27.29 7.50 -15.91
CA LEU B 367 -26.84 7.83 -17.25
C LEU B 367 -27.41 9.17 -17.67
N ASP B 368 -26.59 9.96 -18.37
CA ASP B 368 -27.02 11.27 -18.84
C ASP B 368 -28.00 11.05 -19.98
N PRO B 369 -29.23 11.56 -19.85
CA PRO B 369 -30.24 11.44 -20.90
C PRO B 369 -29.91 12.29 -22.13
N ASN B 370 -29.00 13.26 -21.98
CA ASN B 370 -28.70 14.16 -23.08
C ASN B 370 -27.38 13.85 -23.79
N LYS B 371 -26.70 12.79 -23.36
CA LYS B 371 -25.46 12.40 -24.01
C LYS B 371 -25.48 10.89 -24.27
N GLU B 372 -24.72 10.46 -25.27
CA GLU B 372 -24.76 9.07 -25.68
C GLU B 372 -23.67 8.26 -25.00
N CYS B 373 -24.01 7.04 -24.60
CA CYS B 373 -23.01 6.07 -24.26
C CYS B 373 -22.42 5.55 -25.55
N GLU B 374 -21.20 5.00 -25.49
CA GLU B 374 -20.60 4.37 -26.67
C GLU B 374 -19.79 3.12 -26.29
N TRP B 375 -20.08 2.01 -26.96
CA TRP B 375 -19.35 0.75 -26.75
C TRP B 375 -18.21 0.63 -27.75
N LEU B 376 -17.02 0.32 -27.27
CA LEU B 376 -15.91 0.09 -28.17
C LEU B 376 -15.77 -1.41 -28.47
N MET B 377 -15.87 -1.77 -29.75
CA MET B 377 -15.71 -3.15 -30.19
C MET B 377 -14.26 -3.46 -30.47
N GLY B 378 -13.87 -4.71 -30.28
CA GLY B 378 -12.52 -5.10 -30.64
C GLY B 378 -12.09 -6.32 -29.88
N GLN B 379 -10.80 -6.62 -29.94
CA GLN B 379 -10.28 -7.76 -29.19
C GLN B 379 -10.41 -7.47 -27.70
N VAL B 380 -10.37 -6.19 -27.35
CA VAL B 380 -10.74 -5.73 -26.02
C VAL B 380 -11.99 -4.84 -26.16
N ALA B 381 -13.12 -5.29 -25.61
CA ALA B 381 -14.40 -4.59 -25.83
C ALA B 381 -15.12 -4.22 -24.54
N GLY B 382 -15.49 -2.95 -24.44
CA GLY B 382 -16.21 -2.42 -23.29
C GLY B 382 -16.63 -0.98 -23.58
N MET B 383 -17.32 -0.34 -22.63
CA MET B 383 -17.77 1.03 -22.83
C MET B 383 -16.61 2.04 -22.95
N LEU B 384 -16.76 2.99 -23.86
CA LEU B 384 -15.75 4.00 -24.14
C LEU B 384 -16.23 5.35 -23.60
N HIS B 385 -17.54 5.59 -23.65
CA HIS B 385 -18.10 6.81 -23.10
C HIS B 385 -19.29 6.49 -22.22
N VAL B 386 -19.25 6.91 -20.96
CA VAL B 386 -20.36 6.67 -20.03
C VAL B 386 -20.77 7.96 -19.31
N PRO B 387 -21.47 8.87 -20.03
CA PRO B 387 -21.86 10.15 -19.43
C PRO B 387 -22.88 9.93 -18.35
N ILE B 388 -22.57 10.39 -17.14
CA ILE B 388 -23.49 10.28 -16.03
C ILE B 388 -23.81 11.65 -15.43
N ILE B 389 -24.89 11.69 -14.66
CA ILE B 389 -25.26 12.88 -13.91
C ILE B 389 -25.57 12.47 -12.49
N PHE B 390 -25.43 13.41 -11.58
CA PHE B 390 -25.57 13.11 -10.17
C PHE B 390 -25.72 14.42 -9.41
N PRO B 391 -26.28 14.37 -8.20
CA PRO B 391 -26.37 15.63 -7.45
C PRO B 391 -24.99 16.13 -7.09
N LYS B 392 -24.76 17.43 -7.23
CA LYS B 392 -23.46 18.00 -6.91
C LYS B 392 -23.03 17.65 -5.49
N GLY B 393 -21.76 17.35 -5.33
CA GLY B 393 -21.25 16.91 -4.06
C GLY B 393 -20.07 17.76 -3.61
N LYS B 394 -19.27 17.23 -2.70
CA LYS B 394 -18.18 18.01 -2.14
C LYS B 394 -16.85 17.27 -2.19
N ARG B 395 -15.83 17.98 -2.64
CA ARG B 395 -14.45 17.50 -2.58
C ARG B 395 -14.04 17.17 -1.14
N LEU B 396 -13.21 16.15 -0.99
CA LEU B 396 -12.59 15.84 0.31
C LEU B 396 -11.30 16.64 0.48
N SER B 397 -10.62 16.90 -0.62
CA SER B 397 -9.31 17.54 -0.55
C SER B 397 -9.30 18.90 -1.22
N GLU B 398 -9.06 19.93 -0.42
CA GLU B 398 -8.94 21.32 -0.87
C GLU B 398 -10.01 21.74 -1.89
#